data_6FOP
#
_entry.id   6FOP
#
_cell.length_a   61.917
_cell.length_b   139.033
_cell.length_c   197.909
_cell.angle_alpha   90.000
_cell.angle_beta   90.000
_cell.angle_gamma   90.000
#
_symmetry.space_group_name_H-M   'I 21 21 21'
#
loop_
_entity.id
_entity.type
_entity.pdbx_description
1 polymer 'Glycoside hydrolase family 81'
2 non-polymer 'CALCIUM ION'
3 non-polymer (4S)-2-METHYL-2,4-PENTANEDIOL
4 non-polymer 'CHLORIDE ION'
5 non-polymer 'SODIUM ION'
6 non-polymer 'ACETATE ION'
7 non-polymer 'MAGNESIUM ION'
8 non-polymer 'NICKEL (II) ION'
9 water water
#
_entity_poly.entity_id   1
_entity_poly.type   'polypeptide(L)'
_entity_poly.pdbx_seq_one_letter_code
;QYYREGTGSYTVVLPPGAKVPQAEIYKTSNLQGAVPTNSWESSILWNQYSLPIYAHPLTFKFKAEGIEVGKPALGGSGIA
YFGAHKNDFTVGHSSVYTFPDARADKISDFAVDAVMASGSGSIKATLMKGSPYAYFVFTGGNPRIDFSGTPTVFYGDSGS
QCLGVTINGVNYGLFAPSGSKWQGIGTGTITCILPAGKNYFSIAVLPDNTVSTLTYYKDYAYCFVTDTKVEWSYNETEST
LTTTFTAEVSVKEGTNKGTILALYPHQWRNNPHILPLPYTYSTLRGIMKTIQGTSFKTVYRYHGILPNLPDKGTYDREAL
NRYINELALQADAPVAVDTYWFGKHLGKLSCALPIAEQLGNISAKDRFISFMKSSLEDWFTAKEGETAKLFYYDSNWGTL
IGYPSSYGSDEELNDHHFHYGYFLHAAAQIALRDPQWASRDNWGAMVELLIKDIANWDRNDTRFPFLRNFDPYEGHSWAS
GHAGFADGNNQASSSEAINAWQAIILWGEATGNKTIRDLGIYLYTTEVEAVCNYWFDLYKDIFSPSYGHNYASMVWGGKY
CHEIWWNGTNSEKHGINFLPITAASLYLGKDPNYIKQNYEEMLRECGTSQPPNWKDIQYMYYALYDPAAAKNMWNESIVP
EDGESKAHTYHWICNLDSLGLPDFSVTADTPLYSVFNKNNIRTYVVYNASSSAKKVTFSDGKVMTVGPHSMAVSTGS
;
_entity_poly.pdbx_strand_id   A
#
loop_
_chem_comp.id
_chem_comp.type
_chem_comp.name
_chem_comp.formula
ACT non-polymer 'ACETATE ION' 'C2 H3 O2 -1'
CA non-polymer 'CALCIUM ION' 'Ca 2'
CL non-polymer 'CHLORIDE ION' 'Cl -1'
MG non-polymer 'MAGNESIUM ION' 'Mg 2'
MPD non-polymer (4S)-2-METHYL-2,4-PENTANEDIOL 'C6 H14 O2'
NA non-polymer 'SODIUM ION' 'Na 1'
NI non-polymer 'NICKEL (II) ION' 'Ni 2'
#
# COMPACT_ATOMS: atom_id res chain seq x y z
N GLN A 1 -12.90 9.93 -28.85
CA GLN A 1 -14.33 9.94 -28.44
C GLN A 1 -14.57 9.88 -26.88
N TYR A 2 -15.82 9.61 -26.49
CA TYR A 2 -16.33 9.83 -25.15
C TYR A 2 -17.14 8.62 -24.76
N TYR A 3 -17.01 8.21 -23.51
CA TYR A 3 -17.65 7.02 -23.01
C TYR A 3 -18.57 7.40 -21.85
N ARG A 4 -19.85 7.08 -22.00
CA ARG A 4 -20.84 7.43 -21.00
C ARG A 4 -20.76 6.45 -19.83
N GLU A 5 -20.79 6.96 -18.61
CA GLU A 5 -20.81 6.14 -17.39
C GLU A 5 -21.84 6.76 -16.47
N GLY A 6 -23.00 6.13 -16.36
CA GLY A 6 -24.16 6.73 -15.68
C GLY A 6 -24.45 8.07 -16.33
N THR A 7 -24.51 9.11 -15.53
CA THR A 7 -24.78 10.44 -16.05
C THR A 7 -23.50 11.22 -16.34
N GLY A 8 -22.34 10.59 -16.10
CA GLY A 8 -21.05 11.18 -16.40
C GLY A 8 -20.39 10.56 -17.60
N SER A 9 -19.09 10.82 -17.74
CA SER A 9 -18.34 10.35 -18.88
C SER A 9 -16.86 10.54 -18.67
N TYR A 10 -16.06 9.75 -19.40
CA TYR A 10 -14.63 10.01 -19.55
C TYR A 10 -14.32 10.10 -21.04
N THR A 11 -13.11 10.54 -21.36
CA THR A 11 -12.68 10.72 -22.75
C THR A 11 -11.45 9.92 -23.09
N VAL A 12 -11.29 9.63 -24.38
CA VAL A 12 -10.03 9.12 -24.93
C VAL A 12 -9.33 10.15 -25.88
N VAL A 13 -9.79 11.39 -25.87
CA VAL A 13 -9.15 12.49 -26.59
C VAL A 13 -8.27 13.24 -25.59
N LEU A 14 -6.98 13.30 -25.88
CA LEU A 14 -6.00 13.87 -24.96
C LEU A 14 -6.04 15.39 -25.09
N PRO A 15 -6.29 16.12 -23.99
CA PRO A 15 -6.29 17.58 -24.15
C PRO A 15 -4.95 18.15 -24.61
N PRO A 16 -4.96 19.32 -25.28
CA PRO A 16 -3.72 19.83 -25.82
C PRO A 16 -2.75 20.18 -24.74
N GLY A 17 -1.54 19.62 -24.90
CA GLY A 17 -0.47 19.83 -23.96
C GLY A 17 -0.41 18.77 -22.89
N ALA A 18 -1.51 18.03 -22.69
CA ALA A 18 -1.59 17.00 -21.65
C ALA A 18 -0.64 15.88 -22.03
N LYS A 19 -0.05 15.28 -21.01
CA LYS A 19 0.95 14.26 -21.20
C LYS A 19 0.45 12.94 -20.66
N VAL A 20 0.99 11.86 -21.21
CA VAL A 20 0.60 10.50 -20.87
C VAL A 20 1.86 9.70 -20.62
N PRO A 21 1.71 8.52 -20.00
CA PRO A 21 2.90 7.69 -19.87
C PRO A 21 3.48 7.27 -21.23
N GLN A 22 4.77 6.95 -21.22
CA GLN A 22 5.48 6.56 -22.44
C GLN A 22 4.73 5.50 -23.25
N ALA A 23 4.90 5.60 -24.55
CA ALA A 23 4.31 4.66 -25.49
C ALA A 23 4.88 3.25 -25.35
N GLU A 24 6.19 3.17 -25.07
CA GLU A 24 6.90 1.89 -25.04
C GLU A 24 6.60 1.15 -23.74
N ILE A 25 6.14 -0.09 -23.84
CA ILE A 25 5.92 -0.97 -22.69
C ILE A 25 6.68 -2.26 -22.93
N TYR A 26 7.65 -2.54 -22.06
CA TYR A 26 8.52 -3.70 -22.19
C TYR A 26 7.79 -4.91 -21.59
N LYS A 27 6.86 -5.42 -22.40
CA LYS A 27 6.05 -6.58 -22.09
C LYS A 27 6.08 -7.51 -23.31
N THR A 28 5.79 -8.78 -23.05
CA THR A 28 5.59 -9.75 -24.12
C THR A 28 4.15 -9.77 -24.54
N SER A 29 3.87 -10.51 -25.62
CA SER A 29 2.49 -10.69 -26.08
C SER A 29 1.62 -11.49 -25.10
N ASN A 30 2.22 -12.17 -24.13
CA ASN A 30 1.43 -12.88 -23.14
C ASN A 30 0.82 -12.00 -22.05
N LEU A 31 1.33 -10.78 -21.88
CA LEU A 31 0.82 -9.89 -20.84
C LEU A 31 -0.32 -9.08 -21.47
N GLN A 32 -1.56 -9.48 -21.19
CA GLN A 32 -2.75 -8.92 -21.83
C GLN A 32 -3.57 -8.12 -20.84
N GLY A 33 -4.39 -7.24 -21.38
CA GLY A 33 -5.19 -6.32 -20.58
C GLY A 33 -4.35 -5.22 -19.96
N ALA A 34 -4.96 -4.50 -19.05
CA ALA A 34 -4.27 -3.38 -18.43
C ALA A 34 -3.01 -3.83 -17.72
N VAL A 35 -1.97 -3.00 -17.81
CA VAL A 35 -0.63 -3.34 -17.34
C VAL A 35 -0.45 -2.93 -15.88
N PRO A 36 -0.08 -3.88 -14.99
CA PRO A 36 0.19 -3.49 -13.62
C PRO A 36 1.28 -2.43 -13.51
N THR A 37 1.08 -1.47 -12.60
CA THR A 37 2.06 -0.41 -12.30
C THR A 37 2.14 -0.24 -10.79
N ASN A 38 2.98 0.69 -10.34
CA ASN A 38 3.02 1.07 -8.94
C ASN A 38 3.36 -0.09 -8.04
N SER A 39 4.36 -0.87 -8.46
CA SER A 39 4.76 -2.02 -7.67
C SER A 39 6.29 -2.21 -7.67
N TRP A 40 6.71 -3.27 -7.02
CA TRP A 40 8.13 -3.56 -6.88
C TRP A 40 8.77 -4.09 -8.17
N GLU A 41 7.97 -4.69 -9.05
CA GLU A 41 8.47 -5.25 -10.31
C GLU A 41 8.38 -4.24 -11.47
N SER A 42 7.80 -3.06 -11.22
CA SER A 42 7.35 -2.19 -12.30
C SER A 42 8.40 -1.70 -13.25
N SER A 43 9.64 -1.54 -12.78
CA SER A 43 10.69 -0.97 -13.67
C SER A 43 11.03 -1.86 -14.87
N ILE A 44 10.71 -3.15 -14.78
CA ILE A 44 10.82 -4.04 -15.93
C ILE A 44 10.03 -3.54 -17.13
N LEU A 45 8.84 -2.99 -16.87
CA LEU A 45 7.94 -2.51 -17.91
C LEU A 45 8.37 -1.20 -18.53
N TRP A 46 8.96 -0.31 -17.71
CA TRP A 46 9.25 1.06 -18.15
C TRP A 46 10.65 1.23 -18.75
N ASN A 47 11.60 0.44 -18.27
CA ASN A 47 12.99 0.52 -18.72
CA ASN A 47 12.99 0.53 -18.66
C ASN A 47 13.32 -0.61 -19.65
N GLN A 48 14.28 -0.36 -20.55
CA GLN A 48 14.74 -1.40 -21.47
C GLN A 48 15.01 -2.70 -20.70
N TYR A 49 15.83 -2.59 -19.66
CA TYR A 49 16.15 -3.70 -18.80
C TYR A 49 15.29 -3.58 -17.52
N SER A 50 15.88 -3.18 -16.39
CA SER A 50 15.14 -2.81 -15.22
C SER A 50 16.02 -1.96 -14.35
N LEU A 51 15.42 -1.41 -13.30
CA LEU A 51 16.16 -0.91 -12.14
C LEU A 51 16.15 -2.04 -11.10
N PRO A 52 16.83 -1.85 -9.96
CA PRO A 52 16.81 -2.95 -9.00
C PRO A 52 15.41 -3.33 -8.54
N ILE A 53 15.21 -4.64 -8.36
CA ILE A 53 13.92 -5.26 -8.10
CA ILE A 53 13.92 -5.23 -8.09
C ILE A 53 13.96 -5.80 -6.68
N TYR A 54 13.20 -5.17 -5.76
CA TYR A 54 13.27 -5.51 -4.36
C TYR A 54 12.17 -6.47 -3.99
N ALA A 55 12.45 -7.76 -4.20
CA ALA A 55 11.51 -8.82 -3.91
C ALA A 55 11.46 -9.20 -2.45
N HIS A 56 12.63 -9.46 -1.87
CA HIS A 56 12.85 -9.80 -0.45
C HIS A 56 12.52 -11.27 -0.15
N PRO A 57 13.48 -12.06 0.33
CA PRO A 57 14.84 -11.63 0.74
C PRO A 57 15.81 -11.29 -0.40
N LEU A 58 15.49 -11.73 -1.60
CA LEU A 58 16.36 -11.49 -2.77
C LEU A 58 16.09 -10.17 -3.46
N THR A 59 17.11 -9.66 -4.11
CA THR A 59 16.97 -8.55 -5.01
C THR A 59 17.59 -8.89 -6.34
N PHE A 60 17.13 -8.20 -7.39
CA PHE A 60 17.53 -8.53 -8.76
C PHE A 60 17.75 -7.28 -9.59
N LYS A 61 18.44 -7.41 -10.71
CA LYS A 61 18.45 -6.34 -11.69
C LYS A 61 18.72 -6.92 -13.05
N PHE A 62 17.90 -6.57 -14.03
CA PHE A 62 18.12 -7.00 -15.42
C PHE A 62 19.13 -6.07 -16.07
N LYS A 63 19.99 -6.65 -16.91
CA LYS A 63 21.00 -5.91 -17.71
C LYS A 63 21.29 -6.72 -18.96
N ALA A 64 22.09 -6.14 -19.86
CA ALA A 64 22.34 -6.82 -21.13
C ALA A 64 22.82 -8.29 -20.97
N GLU A 65 23.66 -8.56 -19.97
CA GLU A 65 24.23 -9.90 -19.77
C GLU A 65 23.21 -10.90 -19.23
N GLY A 66 22.24 -10.43 -18.45
CA GLY A 66 21.33 -11.35 -17.78
C GLY A 66 20.69 -10.74 -16.54
N ILE A 67 20.54 -11.56 -15.51
CA ILE A 67 19.82 -11.16 -14.30
C ILE A 67 20.75 -11.18 -13.09
N GLU A 68 21.04 -9.99 -12.54
CA GLU A 68 21.79 -9.93 -11.29
C GLU A 68 20.91 -10.46 -10.17
N VAL A 69 21.52 -11.21 -9.27
CA VAL A 69 20.90 -11.77 -8.08
C VAL A 69 21.72 -11.35 -6.88
N GLY A 70 21.07 -10.91 -5.81
CA GLY A 70 21.79 -10.63 -4.58
C GLY A 70 20.93 -10.68 -3.34
N LYS A 71 21.61 -10.67 -2.19
CA LYS A 71 20.98 -10.47 -0.91
C LYS A 71 21.60 -9.23 -0.33
N PRO A 72 20.80 -8.18 -0.06
CA PRO A 72 21.42 -6.93 0.43
C PRO A 72 22.21 -7.04 1.71
N ALA A 73 23.32 -6.32 1.75
CA ALA A 73 24.07 -6.11 2.98
C ALA A 73 23.51 -4.90 3.68
N LEU A 74 22.93 -5.11 4.85
CA LEU A 74 22.26 -4.06 5.60
C LEU A 74 23.27 -3.18 6.31
N GLY A 75 23.04 -1.87 6.26
CA GLY A 75 23.86 -0.94 7.00
C GLY A 75 23.42 0.48 6.88
N GLY A 76 24.15 1.34 7.56
CA GLY A 76 23.86 2.76 7.59
C GLY A 76 23.58 3.16 9.02
N SER A 77 23.63 4.45 9.25
CA SER A 77 23.32 5.00 10.56
C SER A 77 22.72 6.38 10.39
N GLY A 78 21.91 6.78 11.34
CA GLY A 78 21.42 8.14 11.38
C GLY A 78 20.11 8.27 10.64
N ILE A 79 20.12 9.02 9.54
CA ILE A 79 18.90 9.45 8.87
C ILE A 79 18.28 8.37 8.00
N ALA A 80 19.05 7.35 7.65
CA ALA A 80 18.57 6.31 6.73
C ALA A 80 19.24 4.99 7.05
N TYR A 81 18.54 3.90 6.74
CA TYR A 81 19.10 2.56 6.84
C TYR A 81 18.89 1.89 5.51
N PHE A 82 19.94 1.21 5.03
CA PHE A 82 20.03 0.73 3.64
C PHE A 82 20.05 -0.78 3.52
N GLY A 83 19.31 -1.27 2.53
CA GLY A 83 19.40 -2.64 2.03
C GLY A 83 19.47 -2.61 0.53
N ALA A 84 20.53 -2.03 0.00
CA ALA A 84 20.67 -1.80 -1.43
C ALA A 84 20.89 -3.10 -2.19
N HIS A 85 20.34 -3.16 -3.38
CA HIS A 85 20.65 -4.25 -4.28
C HIS A 85 22.15 -4.25 -4.61
N LYS A 86 22.77 -5.42 -4.56
CA LYS A 86 24.12 -5.64 -5.08
C LYS A 86 24.13 -6.96 -5.85
N ASN A 87 25.04 -7.06 -6.79
CA ASN A 87 25.26 -8.26 -7.61
C ASN A 87 26.12 -9.27 -6.88
N ASP A 88 25.51 -10.35 -6.37
CA ASP A 88 26.30 -11.47 -5.86
C ASP A 88 26.67 -12.37 -7.04
N PHE A 89 25.73 -12.63 -7.94
CA PHE A 89 26.07 -13.28 -9.22
C PHE A 89 25.05 -12.89 -10.26
N THR A 90 25.47 -12.92 -11.52
CA THR A 90 24.57 -12.66 -12.63
C THR A 90 24.26 -14.00 -13.32
N VAL A 91 22.97 -14.27 -13.50
CA VAL A 91 22.51 -15.42 -14.25
C VAL A 91 22.49 -14.99 -15.70
N GLY A 92 23.49 -15.48 -16.45
CA GLY A 92 23.64 -15.22 -17.87
C GLY A 92 23.47 -16.50 -18.67
N HIS A 93 23.92 -16.46 -19.92
CA HIS A 93 23.62 -17.47 -20.91
C HIS A 93 24.94 -17.81 -21.64
N SER A 94 25.12 -19.09 -21.95
CA SER A 94 26.41 -19.58 -22.47
C SER A 94 26.72 -19.13 -23.89
N SER A 95 25.71 -18.83 -24.67
CA SER A 95 25.93 -18.35 -26.05
C SER A 95 25.39 -16.97 -26.42
N VAL A 96 24.50 -16.41 -25.60
CA VAL A 96 23.97 -15.10 -25.84
C VAL A 96 24.58 -14.23 -24.76
N TYR A 97 25.51 -13.36 -25.12
CA TYR A 97 26.18 -12.50 -24.14
C TYR A 97 25.48 -11.13 -23.98
N THR A 98 24.68 -10.74 -24.97
CA THR A 98 23.89 -9.50 -24.87
CA THR A 98 23.91 -9.47 -24.95
C THR A 98 22.46 -9.73 -25.34
N PHE A 99 21.53 -9.50 -24.41
CA PHE A 99 20.11 -9.56 -24.70
C PHE A 99 19.64 -8.13 -24.96
N PRO A 100 18.65 -7.96 -25.85
CA PRO A 100 18.26 -6.60 -26.24
C PRO A 100 17.40 -5.87 -25.22
N ASP A 101 16.73 -6.60 -24.33
CA ASP A 101 15.83 -6.00 -23.33
C ASP A 101 15.38 -7.08 -22.35
N ALA A 102 14.61 -6.68 -21.33
CA ALA A 102 13.90 -7.60 -20.46
C ALA A 102 12.45 -7.14 -20.47
N ARG A 103 11.55 -8.11 -20.68
CA ARG A 103 10.12 -7.82 -20.82
C ARG A 103 9.29 -8.64 -19.84
N ALA A 104 8.26 -8.01 -19.25
CA ALA A 104 7.36 -8.74 -18.36
C ALA A 104 6.42 -9.62 -19.21
N ASP A 105 6.31 -10.87 -18.78
CA ASP A 105 5.47 -11.88 -19.42
C ASP A 105 4.19 -12.20 -18.64
N LYS A 106 4.31 -12.22 -17.31
N LYS A 106 4.31 -12.19 -17.31
CA LYS A 106 3.18 -12.48 -16.40
CA LYS A 106 3.21 -12.50 -16.39
C LYS A 106 3.50 -11.74 -15.11
C LYS A 106 3.48 -11.79 -15.07
N ILE A 107 2.48 -11.12 -14.52
CA ILE A 107 2.58 -10.46 -13.21
C ILE A 107 1.43 -10.97 -12.39
N SER A 108 1.74 -11.64 -11.29
CA SER A 108 0.74 -12.11 -10.35
C SER A 108 0.80 -11.29 -9.06
N ASP A 109 0.15 -11.76 -7.99
CA ASP A 109 -0.04 -10.87 -6.84
C ASP A 109 1.24 -10.62 -6.06
N PHE A 110 2.20 -11.55 -6.14
CA PHE A 110 3.51 -11.36 -5.51
C PHE A 110 4.64 -12.07 -6.27
N ALA A 111 4.52 -12.12 -7.59
CA ALA A 111 5.58 -12.64 -8.43
C ALA A 111 5.53 -11.99 -9.81
N VAL A 112 6.62 -12.14 -10.55
CA VAL A 112 6.71 -11.68 -11.94
C VAL A 112 7.52 -12.70 -12.74
N ASP A 113 7.07 -12.99 -13.94
CA ASP A 113 7.85 -13.72 -14.93
C ASP A 113 8.33 -12.69 -15.95
N ALA A 114 9.64 -12.68 -16.22
CA ALA A 114 10.22 -11.80 -17.25
C ALA A 114 11.06 -12.62 -18.22
N VAL A 115 11.11 -12.15 -19.47
CA VAL A 115 11.82 -12.85 -20.53
C VAL A 115 12.87 -11.94 -21.13
N MET A 116 14.06 -12.50 -21.33
CA MET A 116 15.12 -11.89 -22.12
C MET A 116 15.36 -12.83 -23.30
N ALA A 117 15.32 -12.33 -24.53
CA ALA A 117 15.44 -13.22 -25.68
C ALA A 117 16.16 -12.55 -26.84
N SER A 118 17.02 -13.31 -27.48
CA SER A 118 17.56 -12.94 -28.79
C SER A 118 17.08 -14.04 -29.75
N GLY A 119 17.48 -13.93 -31.00
CA GLY A 119 17.17 -14.96 -31.96
C GLY A 119 17.83 -16.30 -31.67
N SER A 120 18.89 -16.31 -30.87
CA SER A 120 19.61 -17.56 -30.60
C SER A 120 19.51 -18.08 -29.16
N GLY A 121 18.64 -17.49 -28.34
CA GLY A 121 18.47 -18.00 -26.99
C GLY A 121 17.68 -17.09 -26.07
N SER A 122 17.29 -17.60 -24.92
CA SER A 122 16.45 -16.83 -23.98
C SER A 122 16.62 -17.31 -22.56
N ILE A 123 16.29 -16.43 -21.62
CA ILE A 123 16.13 -16.78 -20.23
C ILE A 123 14.75 -16.23 -19.81
N LYS A 124 13.95 -17.08 -19.16
CA LYS A 124 12.70 -16.65 -18.53
C LYS A 124 12.91 -16.80 -17.05
N ALA A 125 12.79 -15.68 -16.33
CA ALA A 125 13.03 -15.63 -14.89
C ALA A 125 11.74 -15.37 -14.13
N THR A 126 11.51 -16.14 -13.08
CA THR A 126 10.42 -15.89 -12.14
C THR A 126 11.05 -15.37 -10.84
N LEU A 127 10.66 -14.14 -10.50
CA LEU A 127 11.10 -13.42 -9.30
C LEU A 127 9.89 -13.30 -8.38
N MET A 128 10.09 -13.62 -7.09
CA MET A 128 8.95 -13.68 -6.17
C MET A 128 9.24 -13.00 -4.85
N LYS A 129 8.31 -12.13 -4.47
CA LYS A 129 8.34 -11.47 -3.18
C LYS A 129 7.87 -12.52 -2.17
N GLY A 130 8.63 -12.71 -1.11
CA GLY A 130 8.33 -13.75 -0.15
C GLY A 130 8.83 -15.14 -0.53
N SER A 131 9.81 -15.24 -1.43
CA SER A 131 10.44 -16.52 -1.73
C SER A 131 11.93 -16.39 -1.55
N PRO A 132 12.58 -17.42 -1.00
CA PRO A 132 14.07 -17.45 -1.04
C PRO A 132 14.60 -17.98 -2.38
N TYR A 133 13.71 -18.44 -3.26
CA TYR A 133 14.07 -18.97 -4.56
C TYR A 133 13.91 -17.96 -5.68
N ALA A 134 14.66 -18.16 -6.77
CA ALA A 134 14.32 -17.58 -8.08
C ALA A 134 14.42 -18.73 -9.09
N TYR A 135 13.51 -18.72 -10.05
CA TYR A 135 13.33 -19.85 -10.96
C TYR A 135 13.57 -19.41 -12.40
N PHE A 136 14.21 -20.28 -13.20
CA PHE A 136 14.62 -19.92 -14.54
C PHE A 136 14.36 -21.05 -15.53
N VAL A 137 14.02 -20.66 -16.77
CA VAL A 137 13.94 -21.61 -17.88
C VAL A 137 14.79 -21.02 -19.00
N PHE A 138 15.67 -21.85 -19.56
CA PHE A 138 16.59 -21.48 -20.63
C PHE A 138 16.17 -22.07 -21.98
N THR A 139 16.42 -21.32 -23.06
CA THR A 139 16.44 -21.91 -24.39
C THR A 139 17.75 -21.49 -25.08
N GLY A 140 18.25 -22.38 -25.94
CA GLY A 140 19.34 -22.05 -26.82
C GLY A 140 20.71 -22.11 -26.21
N GLY A 141 20.80 -22.59 -24.96
CA GLY A 141 22.06 -22.67 -24.28
C GLY A 141 21.94 -22.88 -22.80
N ASN A 142 23.07 -22.73 -22.13
CA ASN A 142 23.22 -23.13 -20.74
C ASN A 142 23.27 -21.93 -19.78
N PRO A 143 22.86 -22.15 -18.53
CA PRO A 143 23.09 -21.11 -17.50
C PRO A 143 24.55 -20.86 -17.32
N ARG A 144 24.95 -19.59 -17.42
CA ARG A 144 26.31 -19.17 -17.22
C ARG A 144 26.26 -18.24 -16.02
N ILE A 145 26.70 -18.75 -14.87
CA ILE A 145 26.58 -18.03 -13.60
C ILE A 145 27.87 -17.26 -13.33
N ASP A 146 27.80 -15.95 -13.59
CA ASP A 146 28.93 -15.05 -13.51
C ASP A 146 28.97 -14.40 -12.14
N PHE A 147 29.79 -14.94 -11.26
CA PHE A 147 29.89 -14.46 -9.87
C PHE A 147 30.66 -13.15 -9.77
N SER A 148 30.34 -12.37 -8.74
CA SER A 148 31.12 -11.19 -8.37
CA SER A 148 31.12 -11.20 -8.37
C SER A 148 32.33 -11.65 -7.56
N GLY A 149 33.36 -12.08 -8.26
CA GLY A 149 34.50 -12.78 -7.66
C GLY A 149 34.35 -14.29 -7.83
N THR A 150 35.03 -15.06 -6.99
CA THR A 150 35.09 -16.52 -7.12
C THR A 150 34.33 -17.02 -5.92
N PRO A 151 33.29 -17.85 -6.11
CA PRO A 151 32.63 -18.35 -4.92
C PRO A 151 33.38 -19.47 -4.21
N THR A 152 33.15 -19.59 -2.91
CA THR A 152 33.50 -20.79 -2.15
C THR A 152 32.45 -21.83 -2.47
N VAL A 153 32.89 -23.04 -2.76
CA VAL A 153 31.98 -24.13 -3.03
C VAL A 153 32.04 -25.00 -1.76
N PHE A 154 30.98 -24.91 -0.96
CA PHE A 154 30.91 -25.69 0.28
C PHE A 154 30.28 -27.07 0.08
N TYR A 155 29.57 -27.27 -1.03
CA TYR A 155 29.04 -28.57 -1.38
C TYR A 155 29.03 -28.68 -2.89
N GLY A 156 29.41 -29.87 -3.35
CA GLY A 156 29.23 -30.25 -4.73
C GLY A 156 30.49 -30.30 -5.54
N ASP A 157 30.37 -30.83 -6.74
CA ASP A 157 31.50 -30.91 -7.68
C ASP A 157 30.94 -30.91 -9.10
N SER A 158 31.79 -31.17 -10.10
CA SER A 158 31.36 -31.09 -11.48
C SER A 158 30.24 -32.05 -11.83
N GLY A 159 30.05 -33.10 -11.03
CA GLY A 159 29.02 -34.10 -11.30
C GLY A 159 27.80 -34.06 -10.41
N SER A 160 27.75 -33.16 -9.44
CA SER A 160 26.60 -33.14 -8.53
C SER A 160 25.45 -32.35 -9.13
N GLN A 161 24.26 -32.67 -8.67
CA GLN A 161 23.04 -32.02 -9.16
C GLN A 161 22.89 -30.56 -8.72
N CYS A 162 23.40 -30.27 -7.53
CA CYS A 162 23.38 -28.95 -6.98
C CYS A 162 24.73 -28.59 -6.44
N LEU A 163 24.94 -27.27 -6.30
CA LEU A 163 26.12 -26.74 -5.63
C LEU A 163 25.67 -25.86 -4.50
N GLY A 164 26.40 -25.93 -3.41
CA GLY A 164 26.28 -24.95 -2.33
C GLY A 164 27.46 -24.02 -2.41
N VAL A 165 27.18 -22.71 -2.56
CA VAL A 165 28.22 -21.73 -2.74
C VAL A 165 28.07 -20.60 -1.74
N THR A 166 29.15 -19.89 -1.51
CA THR A 166 29.17 -18.71 -0.66
C THR A 166 29.89 -17.62 -1.41
N ILE A 167 29.24 -16.46 -1.55
CA ILE A 167 29.82 -15.29 -2.22
C ILE A 167 29.43 -14.05 -1.44
N ASN A 168 30.36 -13.14 -1.18
CA ASN A 168 30.07 -11.94 -0.38
C ASN A 168 29.45 -12.29 1.00
N GLY A 169 29.80 -13.44 1.56
CA GLY A 169 29.26 -13.88 2.84
C GLY A 169 27.84 -14.42 2.78
N VAL A 170 27.28 -14.57 1.57
CA VAL A 170 25.90 -15.03 1.39
C VAL A 170 25.95 -16.44 0.82
N ASN A 171 25.24 -17.37 1.48
CA ASN A 171 25.13 -18.72 1.03
C ASN A 171 24.01 -18.90 0.04
N TYR A 172 24.30 -19.58 -1.08
CA TYR A 172 23.30 -19.91 -2.09
C TYR A 172 23.36 -21.37 -2.46
N GLY A 173 22.20 -21.88 -2.87
CA GLY A 173 22.09 -23.16 -3.57
C GLY A 173 21.88 -22.89 -5.04
N LEU A 174 22.57 -23.67 -5.88
CA LEU A 174 22.37 -23.65 -7.34
C LEU A 174 21.84 -25.01 -7.72
N PHE A 175 20.63 -25.04 -8.25
CA PHE A 175 19.88 -26.31 -8.43
C PHE A 175 19.62 -26.60 -9.88
N ALA A 176 20.31 -27.61 -10.40
CA ALA A 176 20.22 -28.01 -11.80
C ALA A 176 19.36 -29.25 -11.98
N PRO A 177 18.91 -29.50 -13.21
CA PRO A 177 18.23 -30.76 -13.46
C PRO A 177 19.10 -31.99 -13.20
N SER A 178 18.48 -33.07 -12.77
CA SER A 178 19.21 -34.33 -12.64
CA SER A 178 19.19 -34.34 -12.64
CA SER A 178 19.18 -34.35 -12.65
C SER A 178 19.90 -34.64 -13.96
N GLY A 179 21.17 -35.01 -13.87
CA GLY A 179 21.98 -35.28 -15.04
C GLY A 179 22.87 -34.17 -15.52
N SER A 180 22.80 -33.01 -14.87
CA SER A 180 23.60 -31.85 -15.23
C SER A 180 25.04 -32.07 -14.77
N LYS A 181 25.93 -31.31 -15.40
CA LYS A 181 27.32 -31.20 -14.98
C LYS A 181 27.65 -29.74 -14.82
N TRP A 182 28.78 -29.46 -14.19
CA TRP A 182 29.21 -28.07 -13.99
C TRP A 182 30.62 -27.86 -14.49
N GLN A 183 30.80 -26.79 -15.25
CA GLN A 183 32.09 -26.42 -15.79
C GLN A 183 32.50 -25.12 -15.15
N GLY A 184 33.77 -24.99 -14.85
CA GLY A 184 34.29 -23.74 -14.33
C GLY A 184 34.31 -23.56 -12.83
N ILE A 185 34.04 -24.63 -12.09
CA ILE A 185 34.18 -24.60 -10.64
C ILE A 185 35.63 -24.26 -10.31
N GLY A 186 35.81 -23.31 -9.40
CA GLY A 186 37.12 -22.77 -9.09
C GLY A 186 37.43 -21.47 -9.80
N THR A 187 36.54 -21.07 -10.74
CA THR A 187 36.67 -19.79 -11.43
C THR A 187 35.48 -18.88 -11.05
N GLY A 188 35.50 -17.69 -11.62
CA GLY A 188 34.47 -16.70 -11.41
C GLY A 188 33.23 -16.92 -12.22
N THR A 189 33.22 -17.87 -13.15
CA THR A 189 32.01 -18.20 -13.90
C THR A 189 31.79 -19.71 -13.92
N ILE A 190 30.63 -20.15 -13.42
CA ILE A 190 30.30 -21.55 -13.45
C ILE A 190 29.18 -21.73 -14.45
N THR A 191 29.38 -22.64 -15.40
CA THR A 191 28.36 -22.95 -16.41
C THR A 191 27.71 -24.27 -16.07
N CYS A 192 26.38 -24.28 -16.06
CA CYS A 192 25.63 -25.48 -15.83
C CYS A 192 25.39 -26.16 -17.17
N ILE A 193 25.98 -27.33 -17.37
CA ILE A 193 25.79 -28.08 -18.62
C ILE A 193 24.51 -28.86 -18.48
N LEU A 194 23.46 -28.34 -19.07
CA LEU A 194 22.15 -28.96 -18.96
C LEU A 194 22.08 -30.25 -19.75
N PRO A 195 21.36 -31.25 -19.22
CA PRO A 195 21.11 -32.45 -20.04
C PRO A 195 20.12 -32.19 -21.14
N ALA A 196 20.18 -32.99 -22.19
CA ALA A 196 19.26 -32.83 -23.32
C ALA A 196 17.83 -32.92 -22.82
N GLY A 197 17.03 -31.93 -23.20
CA GLY A 197 15.61 -31.94 -22.87
C GLY A 197 15.22 -31.37 -21.54
N LYS A 198 16.15 -30.95 -20.70
N LYS A 198 16.18 -30.96 -20.73
CA LYS A 198 15.81 -30.42 -19.36
CA LYS A 198 15.90 -30.33 -19.44
C LYS A 198 16.49 -29.05 -19.13
C LYS A 198 16.51 -28.96 -19.45
N ASN A 199 15.68 -27.98 -19.13
CA ASN A 199 16.10 -26.61 -19.32
C ASN A 199 15.67 -25.68 -18.19
N TYR A 200 15.28 -26.29 -17.08
CA TYR A 200 14.92 -25.54 -15.86
C TYR A 200 16.13 -25.43 -14.93
N PHE A 201 16.14 -24.39 -14.10
CA PHE A 201 17.31 -24.08 -13.25
C PHE A 201 16.81 -23.15 -12.17
N SER A 202 17.17 -23.40 -10.91
CA SER A 202 16.75 -22.47 -9.83
C SER A 202 17.90 -22.18 -8.89
N ILE A 203 17.74 -21.14 -8.10
CA ILE A 203 18.72 -20.76 -7.07
C ILE A 203 17.92 -20.47 -5.80
N ALA A 204 18.57 -20.56 -4.65
CA ALA A 204 17.98 -20.05 -3.39
C ALA A 204 19.03 -19.38 -2.60
N VAL A 205 18.64 -18.34 -1.88
CA VAL A 205 19.46 -17.81 -0.81
C VAL A 205 19.21 -18.65 0.45
N LEU A 206 20.29 -19.14 1.03
CA LEU A 206 20.23 -20.07 2.16
C LEU A 206 20.55 -19.34 3.44
N PRO A 207 20.01 -19.83 4.57
CA PRO A 207 20.25 -19.20 5.84
C PRO A 207 21.57 -19.64 6.49
N ASP A 208 22.23 -20.65 5.95
CA ASP A 208 23.48 -21.16 6.52
C ASP A 208 24.19 -21.98 5.47
N ASN A 209 25.38 -22.47 5.77
CA ASN A 209 26.16 -23.30 4.84
C ASN A 209 26.21 -24.76 5.23
N THR A 210 25.21 -25.26 5.95
CA THR A 210 25.20 -26.67 6.30
C THR A 210 24.60 -27.49 5.16
N VAL A 211 25.07 -28.74 5.08
CA VAL A 211 24.54 -29.67 4.08
C VAL A 211 23.09 -30.01 4.40
N SER A 212 22.74 -30.12 5.67
CA SER A 212 21.37 -30.39 6.05
C SER A 212 20.37 -29.32 5.50
N THR A 213 20.75 -28.05 5.65
CA THR A 213 19.95 -26.97 5.12
C THR A 213 19.87 -27.02 3.61
N LEU A 214 20.99 -27.24 2.95
CA LEU A 214 21.02 -27.32 1.49
C LEU A 214 20.12 -28.44 1.00
N THR A 215 20.13 -29.58 1.70
CA THR A 215 19.29 -30.71 1.33
C THR A 215 17.82 -30.34 1.39
N TYR A 216 17.42 -29.61 2.43
CA TYR A 216 16.02 -29.20 2.57
C TYR A 216 15.62 -28.24 1.46
N TYR A 217 16.45 -27.26 1.17
CA TYR A 217 16.16 -26.32 0.06
C TYR A 217 16.16 -27.04 -1.30
N LYS A 218 17.04 -28.02 -1.49
CA LYS A 218 17.00 -28.83 -2.70
C LYS A 218 15.69 -29.57 -2.84
N ASP A 219 15.14 -30.05 -1.72
CA ASP A 219 13.88 -30.77 -1.77
C ASP A 219 12.76 -29.99 -2.46
N TYR A 220 12.75 -28.67 -2.30
CA TYR A 220 11.70 -27.84 -2.91
C TYR A 220 12.18 -26.96 -4.07
N ALA A 221 13.43 -27.14 -4.50
CA ALA A 221 14.02 -26.29 -5.55
C ALA A 221 13.39 -26.46 -6.91
N TYR A 222 12.74 -27.60 -7.13
CA TYR A 222 12.16 -27.91 -8.41
C TYR A 222 10.66 -27.72 -8.46
N CYS A 223 10.11 -27.09 -7.43
CA CYS A 223 8.69 -26.73 -7.37
C CYS A 223 8.60 -25.27 -7.78
N PHE A 224 8.54 -25.04 -9.08
CA PHE A 224 8.60 -23.67 -9.61
C PHE A 224 7.26 -22.98 -9.39
N VAL A 225 7.30 -21.78 -8.81
CA VAL A 225 6.08 -21.01 -8.59
C VAL A 225 5.62 -20.43 -9.91
N THR A 226 4.38 -20.78 -10.30
CA THR A 226 3.81 -20.35 -11.57
C THR A 226 2.61 -19.41 -11.43
N ASP A 227 2.14 -19.19 -10.20
CA ASP A 227 1.08 -18.19 -9.96
C ASP A 227 1.09 -17.87 -8.47
N THR A 228 0.65 -16.66 -8.14
CA THR A 228 0.49 -16.22 -6.76
C THR A 228 -0.81 -15.41 -6.68
N LYS A 229 -1.58 -15.65 -5.62
N LYS A 229 -1.56 -15.66 -5.60
CA LYS A 229 -2.83 -14.94 -5.46
CA LYS A 229 -2.90 -15.08 -5.41
C LYS A 229 -3.14 -14.71 -4.00
C LYS A 229 -3.17 -14.74 -3.98
N VAL A 230 -3.80 -13.58 -3.77
CA VAL A 230 -4.44 -13.24 -2.48
C VAL A 230 -5.95 -13.28 -2.60
N GLU A 231 -6.59 -13.66 -1.51
CA GLU A 231 -8.04 -13.56 -1.36
C GLU A 231 -8.30 -13.02 0.05
N TRP A 232 -9.43 -12.34 0.24
CA TRP A 232 -9.73 -11.78 1.56
C TRP A 232 -11.18 -12.00 1.93
N SER A 233 -11.44 -11.93 3.24
CA SER A 233 -12.78 -12.04 3.77
CA SER A 233 -12.80 -11.97 3.72
C SER A 233 -12.95 -11.21 5.03
N TYR A 234 -13.96 -10.34 5.06
CA TYR A 234 -14.36 -9.60 6.24
C TYR A 234 -15.47 -10.42 6.90
N ASN A 235 -15.27 -10.76 8.17
CA ASN A 235 -16.28 -11.40 8.99
C ASN A 235 -16.92 -10.36 9.87
N GLU A 236 -18.13 -9.97 9.51
CA GLU A 236 -18.81 -8.88 10.21
C GLU A 236 -19.14 -9.22 11.64
N THR A 237 -19.52 -10.47 11.89
N THR A 237 -19.52 -10.48 11.93
CA THR A 237 -19.84 -10.94 13.22
CA THR A 237 -19.87 -10.89 13.29
C THR A 237 -18.63 -10.86 14.14
C THR A 237 -18.68 -11.19 14.20
N GLU A 238 -17.47 -11.29 13.63
CA GLU A 238 -16.23 -11.36 14.43
C GLU A 238 -15.34 -10.11 14.35
N SER A 239 -15.67 -9.17 13.46
CA SER A 239 -14.86 -7.98 13.24
C SER A 239 -13.41 -8.33 12.90
N THR A 240 -13.25 -9.29 11.99
CA THR A 240 -11.92 -9.74 11.55
C THR A 240 -11.79 -9.63 10.03
N LEU A 241 -10.54 -9.52 9.60
CA LEU A 241 -10.19 -9.50 8.18
C LEU A 241 -9.15 -10.58 7.95
N THR A 242 -9.54 -11.60 7.17
CA THR A 242 -8.70 -12.74 6.84
C THR A 242 -8.18 -12.59 5.43
N THR A 243 -6.88 -12.81 5.27
CA THR A 243 -6.26 -12.84 3.93
C THR A 243 -5.55 -14.19 3.75
N THR A 244 -5.83 -14.83 2.62
CA THR A 244 -5.16 -16.07 2.23
CA THR A 244 -5.11 -16.05 2.24
C THR A 244 -4.17 -15.75 1.11
N PHE A 245 -2.96 -16.31 1.23
CA PHE A 245 -1.88 -16.18 0.23
C PHE A 245 -1.62 -17.56 -0.33
N THR A 246 -1.68 -17.70 -1.65
CA THR A 246 -1.52 -19.02 -2.29
C THR A 246 -0.54 -18.93 -3.45
N ALA A 247 0.43 -19.85 -3.46
CA ALA A 247 1.36 -20.03 -4.57
C ALA A 247 1.01 -21.33 -5.26
N GLU A 248 0.93 -21.29 -6.57
CA GLU A 248 0.79 -22.48 -7.39
C GLU A 248 2.21 -22.92 -7.75
N VAL A 249 2.48 -24.22 -7.65
CA VAL A 249 3.77 -24.76 -8.11
C VAL A 249 3.60 -25.81 -9.21
N SER A 250 4.60 -25.78 -10.12
CA SER A 250 4.72 -26.79 -11.15
CA SER A 250 4.79 -26.77 -11.20
C SER A 250 6.01 -27.57 -10.84
N VAL A 251 5.86 -28.87 -10.64
CA VAL A 251 6.98 -29.71 -10.20
C VAL A 251 7.79 -30.16 -11.41
N LYS A 252 9.02 -29.68 -11.48
CA LYS A 252 9.91 -29.96 -12.63
C LYS A 252 10.60 -31.33 -12.53
N GLU A 253 10.81 -31.83 -11.33
CA GLU A 253 11.31 -33.20 -11.10
C GLU A 253 11.11 -33.53 -9.65
N GLY A 254 11.23 -34.80 -9.31
CA GLY A 254 11.19 -35.29 -7.95
C GLY A 254 9.78 -35.52 -7.43
N THR A 255 9.70 -36.05 -6.22
CA THR A 255 8.44 -36.44 -5.62
C THR A 255 8.01 -35.52 -4.48
N ASN A 256 8.74 -34.44 -4.23
CA ASN A 256 8.30 -33.45 -3.28
C ASN A 256 7.39 -32.44 -3.97
N LYS A 257 6.39 -31.95 -3.22
CA LYS A 257 5.56 -30.87 -3.71
C LYS A 257 5.29 -29.90 -2.56
N GLY A 258 5.77 -28.69 -2.73
CA GLY A 258 5.61 -27.63 -1.75
C GLY A 258 6.54 -26.51 -2.10
N THR A 259 6.66 -25.55 -1.20
CA THR A 259 7.67 -24.51 -1.31
C THR A 259 7.94 -23.92 0.06
N ILE A 260 8.94 -23.04 0.09
CA ILE A 260 9.31 -22.32 1.28
C ILE A 260 8.87 -20.87 1.06
N LEU A 261 7.99 -20.38 1.92
CA LEU A 261 7.49 -18.99 1.87
C LEU A 261 8.15 -18.21 3.01
N ALA A 262 8.59 -17.01 2.69
CA ALA A 262 9.19 -16.09 3.64
C ALA A 262 8.11 -15.02 3.94
N LEU A 263 7.92 -14.75 5.23
CA LEU A 263 6.89 -13.84 5.72
C LEU A 263 7.51 -12.64 6.37
N TYR A 264 6.97 -11.46 6.06
CA TYR A 264 7.37 -10.24 6.74
C TYR A 264 6.77 -10.18 8.15
N PRO A 265 7.34 -9.34 9.02
CA PRO A 265 6.77 -9.20 10.37
C PRO A 265 5.27 -8.87 10.42
N HIS A 266 4.76 -8.02 9.54
CA HIS A 266 3.31 -7.75 9.60
C HIS A 266 2.46 -8.99 9.31
N GLN A 267 3.05 -10.03 8.70
CA GLN A 267 2.37 -11.28 8.43
C GLN A 267 2.56 -12.29 9.55
N TRP A 268 3.80 -12.43 10.05
CA TRP A 268 4.03 -13.47 11.08
C TRP A 268 3.73 -13.06 12.50
N ARG A 269 3.74 -11.76 12.78
CA ARG A 269 3.60 -11.33 14.18
C ARG A 269 2.23 -11.72 14.73
N ASN A 270 2.25 -12.43 15.86
CA ASN A 270 1.04 -12.86 16.57
C ASN A 270 0.11 -13.68 15.72
N ASN A 271 0.68 -14.39 14.74
CA ASN A 271 -0.09 -15.19 13.83
C ASN A 271 -0.17 -16.63 14.34
N PRO A 272 -1.35 -17.05 14.81
CA PRO A 272 -1.50 -18.39 15.37
C PRO A 272 -1.74 -19.50 14.31
N HIS A 273 -1.74 -19.10 13.04
CA HIS A 273 -2.11 -19.99 11.93
C HIS A 273 -0.90 -20.54 11.17
N ILE A 274 0.29 -20.31 11.68
CA ILE A 274 1.51 -20.79 11.06
C ILE A 274 2.40 -21.50 12.09
N LEU A 275 3.26 -22.39 11.58
CA LEU A 275 4.25 -23.11 12.36
C LEU A 275 5.61 -22.90 11.67
N PRO A 276 6.30 -21.81 11.98
CA PRO A 276 7.52 -21.49 11.27
C PRO A 276 8.60 -22.56 11.32
N LEU A 277 9.35 -22.62 10.23
CA LEU A 277 10.56 -23.39 10.14
C LEU A 277 11.63 -22.68 10.97
N PRO A 278 12.79 -23.35 11.19
CA PRO A 278 13.85 -22.67 11.93
C PRO A 278 14.47 -21.48 11.21
N TYR A 279 14.34 -21.45 9.90
CA TYR A 279 15.10 -20.55 9.08
C TYR A 279 14.54 -19.14 9.07
N THR A 280 15.41 -18.16 9.20
CA THR A 280 15.02 -16.75 9.09
C THR A 280 15.98 -16.02 8.17
N TYR A 281 15.54 -14.86 7.70
CA TYR A 281 16.39 -13.92 6.96
C TYR A 281 16.33 -12.56 7.61
N SER A 282 17.48 -11.92 7.76
CA SER A 282 17.53 -10.55 8.21
C SER A 282 17.45 -9.63 7.01
N THR A 283 16.37 -8.86 6.94
CA THR A 283 16.07 -8.00 5.82
C THR A 283 15.81 -6.57 6.25
N LEU A 284 15.70 -5.70 5.26
CA LEU A 284 15.39 -4.30 5.52
C LEU A 284 14.07 -4.14 6.27
N ARG A 285 13.14 -5.06 6.06
CA ARG A 285 11.82 -5.06 6.70
C ARG A 285 11.78 -5.75 8.06
N GLY A 286 12.96 -6.07 8.61
CA GLY A 286 13.03 -6.87 9.81
C GLY A 286 13.32 -8.32 9.51
N ILE A 287 13.07 -9.17 10.49
CA ILE A 287 13.28 -10.59 10.32
C ILE A 287 12.12 -11.15 9.50
N MET A 288 12.46 -11.87 8.43
CA MET A 288 11.49 -12.68 7.70
C MET A 288 11.57 -14.08 8.24
N LYS A 289 10.44 -14.61 8.70
CA LYS A 289 10.33 -16.01 9.07
C LYS A 289 10.00 -16.82 7.83
N THR A 290 10.08 -18.15 7.98
CA THR A 290 9.76 -19.03 6.89
C THR A 290 8.76 -20.10 7.32
N ILE A 291 7.99 -20.58 6.34
CA ILE A 291 7.07 -21.70 6.53
C ILE A 291 7.20 -22.63 5.35
N GLN A 292 6.83 -23.87 5.55
CA GLN A 292 6.67 -24.81 4.44
C GLN A 292 5.23 -24.83 4.05
N GLY A 293 4.98 -24.63 2.77
CA GLY A 293 3.65 -24.79 2.24
C GLY A 293 3.42 -23.91 1.04
N THR A 294 2.30 -24.16 0.39
CA THR A 294 1.91 -23.34 -0.73
C THR A 294 0.86 -22.29 -0.35
N SER A 295 0.43 -22.24 0.91
CA SER A 295 -0.50 -21.22 1.33
CA SER A 295 -0.56 -21.27 1.34
C SER A 295 -0.40 -20.95 2.81
N PHE A 296 -0.82 -19.75 3.18
CA PHE A 296 -0.99 -19.38 4.57
C PHE A 296 -2.02 -18.27 4.66
N LYS A 297 -2.44 -17.99 5.89
CA LYS A 297 -3.34 -16.87 6.13
C LYS A 297 -2.84 -15.94 7.20
N THR A 298 -3.33 -14.71 7.13
CA THR A 298 -3.21 -13.75 8.23
C THR A 298 -4.63 -13.40 8.63
N VAL A 299 -4.81 -13.06 9.91
CA VAL A 299 -6.12 -12.61 10.41
C VAL A 299 -5.85 -11.40 11.31
N TYR A 300 -6.45 -10.28 10.95
CA TYR A 300 -6.36 -9.06 11.73
C TYR A 300 -7.70 -8.71 12.32
N ARG A 301 -7.70 -8.05 13.46
CA ARG A 301 -8.91 -7.44 14.01
C ARG A 301 -9.11 -6.07 13.37
N TYR A 302 -10.32 -5.86 12.88
CA TYR A 302 -10.78 -4.58 12.38
C TYR A 302 -11.47 -3.87 13.53
N HIS A 303 -11.18 -2.58 13.71
CA HIS A 303 -11.68 -1.82 14.85
C HIS A 303 -12.72 -0.78 14.50
N GLY A 304 -13.25 -0.84 13.27
CA GLY A 304 -14.29 0.07 12.83
C GLY A 304 -13.68 1.38 12.33
N ILE A 305 -14.45 2.07 11.50
CA ILE A 305 -14.20 3.49 11.23
C ILE A 305 -15.52 4.22 11.38
N LEU A 306 -15.45 5.54 11.45
CA LEU A 306 -16.64 6.38 11.42
C LEU A 306 -16.59 7.33 10.23
N PRO A 307 -17.77 7.83 9.80
CA PRO A 307 -17.78 8.87 8.75
C PRO A 307 -17.42 10.26 9.27
N ASN A 308 -17.38 10.40 10.58
CA ASN A 308 -17.08 11.66 11.28
C ASN A 308 -17.15 11.35 12.77
N LEU A 309 -16.50 12.20 13.58
CA LEU A 309 -16.70 12.15 15.02
C LEU A 309 -18.07 12.80 15.38
N PRO A 310 -18.70 12.31 16.45
CA PRO A 310 -20.02 12.84 16.84
C PRO A 310 -19.91 14.25 17.45
N ASP A 311 -21.06 14.82 17.82
CA ASP A 311 -21.11 16.15 18.43
C ASP A 311 -21.06 16.01 19.93
N LYS A 312 -19.88 15.70 20.46
CA LYS A 312 -19.70 15.46 21.88
C LYS A 312 -18.57 16.28 22.52
N GLY A 313 -18.01 17.21 21.77
CA GLY A 313 -16.81 17.90 22.23
C GLY A 313 -17.02 18.99 23.24
N THR A 314 -15.93 19.35 23.91
CA THR A 314 -15.88 20.43 24.89
C THR A 314 -15.66 21.81 24.26
N TYR A 315 -15.89 21.93 22.96
CA TYR A 315 -15.74 23.22 22.25
C TYR A 315 -16.77 24.26 22.68
N ASP A 316 -16.35 25.53 22.61
CA ASP A 316 -17.30 26.65 22.55
C ASP A 316 -18.04 26.51 21.22
N ARG A 317 -19.33 26.16 21.31
CA ARG A 317 -20.13 25.88 20.11
C ARG A 317 -20.25 27.11 19.20
N GLU A 318 -20.33 28.31 19.78
CA GLU A 318 -20.45 29.52 18.97
C GLU A 318 -19.17 29.77 18.20
N ALA A 319 -18.03 29.50 18.84
CA ALA A 319 -16.75 29.63 18.14
C ALA A 319 -16.61 28.59 17.02
N LEU A 320 -17.02 27.36 17.32
CA LEU A 320 -16.98 26.31 16.29
C LEU A 320 -17.83 26.69 15.09
N ASN A 321 -19.01 27.25 15.36
CA ASN A 321 -19.91 27.69 14.31
C ASN A 321 -19.27 28.79 13.50
N ARG A 322 -18.60 29.73 14.19
CA ARG A 322 -17.90 30.77 13.45
C ARG A 322 -16.79 30.19 12.56
N TYR A 323 -16.06 29.22 13.06
CA TYR A 323 -15.05 28.56 12.22
C TYR A 323 -15.68 27.93 10.97
N ILE A 324 -16.85 27.34 11.14
CA ILE A 324 -17.60 26.78 10.00
C ILE A 324 -17.98 27.89 9.01
N ASN A 325 -18.45 29.03 9.52
CA ASN A 325 -18.77 30.16 8.63
C ASN A 325 -17.54 30.70 7.91
N GLU A 326 -16.41 30.74 8.62
CA GLU A 326 -15.18 31.21 8.00
C GLU A 326 -14.79 30.27 6.84
N LEU A 327 -14.90 28.97 7.06
CA LEU A 327 -14.62 28.03 5.99
C LEU A 327 -15.62 28.13 4.85
N ALA A 328 -16.89 28.34 5.18
CA ALA A 328 -17.92 28.43 4.15
C ALA A 328 -17.64 29.57 3.16
N LEU A 329 -17.05 30.66 3.64
CA LEU A 329 -16.67 31.75 2.72
C LEU A 329 -15.65 31.32 1.68
N GLN A 330 -14.86 30.29 2.01
CA GLN A 330 -13.83 29.72 1.13
C GLN A 330 -14.24 28.39 0.51
N ALA A 331 -15.52 28.05 0.55
CA ALA A 331 -15.98 26.73 0.08
C ALA A 331 -15.67 26.47 -1.39
N ASP A 332 -15.63 27.52 -2.20
N ASP A 332 -15.67 27.54 -2.21
CA ASP A 332 -15.37 27.39 -3.62
CA ASP A 332 -15.39 27.44 -3.63
C ASP A 332 -13.96 27.81 -4.01
C ASP A 332 -13.95 27.82 -4.02
N ALA A 333 -13.02 27.78 -3.06
CA ALA A 333 -11.65 28.33 -3.21
C ALA A 333 -10.54 27.30 -2.93
N PRO A 334 -10.40 26.28 -3.81
CA PRO A 334 -9.24 25.40 -3.71
C PRO A 334 -7.96 26.23 -3.94
N VAL A 335 -6.84 25.79 -3.34
CA VAL A 335 -5.60 26.52 -3.52
C VAL A 335 -5.01 26.32 -4.93
N ALA A 336 -5.36 25.19 -5.56
CA ALA A 336 -4.96 24.91 -6.94
C ALA A 336 -5.95 23.89 -7.48
N VAL A 337 -6.00 23.74 -8.80
CA VAL A 337 -7.09 22.99 -9.41
C VAL A 337 -6.67 21.76 -10.19
N ASP A 338 -5.40 21.34 -10.03
CA ASP A 338 -4.98 19.99 -10.42
C ASP A 338 -5.65 18.95 -9.52
N THR A 339 -5.62 17.69 -9.94
CA THR A 339 -6.33 16.64 -9.19
C THR A 339 -5.88 16.58 -7.73
N TYR A 340 -4.59 16.76 -7.45
CA TYR A 340 -4.14 16.62 -6.09
C TYR A 340 -4.67 17.73 -5.16
N TRP A 341 -4.42 18.97 -5.55
CA TRP A 341 -4.81 20.10 -4.72
C TRP A 341 -6.35 20.24 -4.72
N PHE A 342 -7.01 19.92 -5.83
CA PHE A 342 -8.47 19.93 -5.84
C PHE A 342 -8.95 18.88 -4.85
N GLY A 343 -8.31 17.70 -4.87
CA GLY A 343 -8.64 16.69 -3.89
C GLY A 343 -8.49 17.16 -2.46
N LYS A 344 -7.35 17.75 -2.14
CA LYS A 344 -7.14 18.25 -0.78
C LYS A 344 -8.30 19.15 -0.33
N HIS A 345 -8.76 20.01 -1.25
CA HIS A 345 -9.88 20.88 -0.94
C HIS A 345 -11.17 20.07 -0.70
N LEU A 346 -11.44 19.10 -1.56
CA LEU A 346 -12.62 18.25 -1.39
C LEU A 346 -12.58 17.49 -0.05
N GLY A 347 -11.38 17.08 0.38
CA GLY A 347 -11.25 16.43 1.68
C GLY A 347 -11.58 17.37 2.83
N LYS A 348 -11.10 18.61 2.73
CA LYS A 348 -11.38 19.65 3.72
C LYS A 348 -12.91 19.83 3.86
N LEU A 349 -13.61 19.94 2.72
CA LEU A 349 -15.08 20.07 2.78
C LEU A 349 -15.76 18.81 3.37
N SER A 350 -15.24 17.65 2.98
CA SER A 350 -15.78 16.37 3.47
C SER A 350 -15.71 16.21 4.97
N CYS A 351 -14.64 16.75 5.56
CA CYS A 351 -14.44 16.70 6.99
C CYS A 351 -15.22 17.80 7.75
N ALA A 352 -15.52 18.92 7.10
CA ALA A 352 -16.26 20.00 7.76
C ALA A 352 -17.77 19.84 7.65
N LEU A 353 -18.23 19.19 6.59
CA LEU A 353 -19.66 19.04 6.32
C LEU A 353 -20.47 18.53 7.52
N PRO A 354 -20.08 17.41 8.13
CA PRO A 354 -20.88 16.91 9.25
C PRO A 354 -20.89 17.86 10.45
N ILE A 355 -19.82 18.65 10.62
CA ILE A 355 -19.76 19.59 11.73
C ILE A 355 -20.81 20.69 11.50
N ALA A 356 -20.87 21.22 10.28
CA ALA A 356 -21.94 22.15 9.94
C ALA A 356 -23.33 21.60 10.24
N GLU A 357 -23.56 20.35 9.88
CA GLU A 357 -24.84 19.70 10.12
C GLU A 357 -25.14 19.57 11.60
N GLN A 358 -24.14 19.18 12.38
CA GLN A 358 -24.31 19.04 13.85
C GLN A 358 -24.69 20.36 14.51
N LEU A 359 -24.16 21.46 13.98
CA LEU A 359 -24.45 22.78 14.51
C LEU A 359 -25.76 23.37 14.03
N GLY A 360 -26.39 22.77 13.04
CA GLY A 360 -27.60 23.34 12.43
C GLY A 360 -27.28 24.50 11.50
N ASN A 361 -26.05 24.55 11.01
CA ASN A 361 -25.63 25.62 10.09
C ASN A 361 -25.92 25.17 8.64
N ILE A 362 -27.18 25.31 8.27
CA ILE A 362 -27.68 24.85 6.99
C ILE A 362 -27.05 25.65 5.86
N SER A 363 -26.83 26.95 6.05
CA SER A 363 -26.24 27.71 4.95
CA SER A 363 -26.19 27.78 5.02
C SER A 363 -24.81 27.20 4.66
N ALA A 364 -24.04 26.90 5.69
CA ALA A 364 -22.69 26.37 5.44
C ALA A 364 -22.77 24.95 4.87
N LYS A 365 -23.60 24.10 5.46
CA LYS A 365 -23.86 22.75 4.90
C LYS A 365 -24.16 22.81 3.42
N ASP A 366 -25.10 23.67 3.05
CA ASP A 366 -25.50 23.78 1.66
C ASP A 366 -24.34 24.25 0.76
N ARG A 367 -23.53 25.19 1.26
CA ARG A 367 -22.40 25.66 0.46
C ARG A 367 -21.38 24.51 0.23
N PHE A 368 -21.15 23.73 1.28
CA PHE A 368 -20.19 22.63 1.19
C PHE A 368 -20.69 21.56 0.23
N ILE A 369 -21.92 21.07 0.44
CA ILE A 369 -22.53 20.01 -0.40
CA ILE A 369 -22.41 19.97 -0.38
C ILE A 369 -22.63 20.45 -1.84
N SER A 370 -23.07 21.70 -2.06
CA SER A 370 -23.22 22.22 -3.41
CA SER A 370 -23.24 22.14 -3.43
C SER A 370 -21.89 22.18 -4.17
N PHE A 371 -20.83 22.64 -3.52
CA PHE A 371 -19.52 22.65 -4.16
C PHE A 371 -18.99 21.23 -4.37
N MET A 372 -19.20 20.36 -3.38
CA MET A 372 -18.77 18.98 -3.52
C MET A 372 -19.47 18.32 -4.72
N LYS A 373 -20.79 18.46 -4.79
CA LYS A 373 -21.54 17.87 -5.89
C LYS A 373 -21.17 18.52 -7.21
N SER A 374 -21.24 19.84 -7.32
CA SER A 374 -21.04 20.47 -8.63
CA SER A 374 -21.01 20.47 -8.62
C SER A 374 -19.63 20.17 -9.15
N SER A 375 -18.64 20.17 -8.25
CA SER A 375 -17.25 19.89 -8.63
CA SER A 375 -17.28 19.93 -8.72
C SER A 375 -17.08 18.46 -9.11
N LEU A 376 -17.62 17.52 -8.34
CA LEU A 376 -17.54 16.11 -8.71
C LEU A 376 -18.26 15.85 -10.03
N GLU A 377 -19.43 16.46 -10.21
CA GLU A 377 -20.19 16.26 -11.45
C GLU A 377 -19.37 16.80 -12.64
N ASP A 378 -18.67 17.91 -12.45
CA ASP A 378 -17.80 18.48 -13.50
C ASP A 378 -16.62 17.50 -13.77
N TRP A 379 -15.90 17.13 -12.73
CA TRP A 379 -14.78 16.21 -12.92
C TRP A 379 -15.22 14.92 -13.59
N PHE A 380 -16.42 14.43 -13.23
CA PHE A 380 -16.93 13.15 -13.72
C PHE A 380 -17.64 13.25 -15.06
N THR A 381 -17.49 14.40 -15.75
CA THR A 381 -17.99 14.58 -17.10
C THR A 381 -16.86 15.15 -17.98
N ALA A 382 -16.58 14.50 -19.09
CA ALA A 382 -15.58 14.95 -20.05
C ALA A 382 -16.30 15.55 -21.24
N LYS A 383 -16.38 16.87 -21.28
CA LYS A 383 -17.04 17.58 -22.38
C LYS A 383 -16.10 17.75 -23.58
N GLU A 384 -16.67 17.80 -24.78
CA GLU A 384 -15.88 18.03 -26.00
C GLU A 384 -15.12 19.36 -25.93
N GLY A 385 -13.81 19.30 -26.13
CA GLY A 385 -12.96 20.49 -26.05
C GLY A 385 -12.62 20.96 -24.66
N GLU A 386 -13.09 20.27 -23.62
CA GLU A 386 -12.79 20.67 -22.25
C GLU A 386 -11.35 20.30 -21.98
N THR A 387 -10.60 21.17 -21.31
CA THR A 387 -9.19 20.90 -21.03
C THR A 387 -8.86 20.74 -19.56
N ALA A 388 -9.81 21.06 -18.68
CA ALA A 388 -9.62 20.89 -17.25
C ALA A 388 -10.89 20.32 -16.64
N LYS A 389 -10.68 19.55 -15.58
CA LYS A 389 -11.73 18.93 -14.81
C LYS A 389 -12.41 17.86 -15.65
N LEU A 390 -11.61 16.84 -15.94
CA LEU A 390 -12.06 15.69 -16.72
C LEU A 390 -11.12 14.54 -16.48
N PHE A 391 -11.60 13.34 -16.77
CA PHE A 391 -10.81 12.11 -16.74
C PHE A 391 -10.63 11.55 -18.13
N TYR A 392 -9.38 11.16 -18.41
CA TYR A 392 -8.95 10.57 -19.68
C TYR A 392 -8.54 9.13 -19.43
N TYR A 393 -8.91 8.22 -20.34
CA TYR A 393 -8.50 6.83 -20.22
C TYR A 393 -7.37 6.56 -21.21
N ASP A 394 -6.21 6.18 -20.66
CA ASP A 394 -5.08 5.72 -21.45
C ASP A 394 -5.25 4.23 -21.70
N SER A 395 -5.41 3.83 -22.96
CA SER A 395 -5.66 2.42 -23.30
C SER A 395 -4.38 1.67 -23.69
N ASN A 396 -3.24 2.32 -23.63
CA ASN A 396 -1.94 1.65 -23.79
C ASN A 396 -1.59 0.91 -22.50
N TRP A 397 -1.56 1.67 -21.40
CA TRP A 397 -1.35 1.11 -20.07
C TRP A 397 -2.65 0.60 -19.43
N GLY A 398 -3.74 1.34 -19.62
CA GLY A 398 -5.02 1.02 -18.95
C GLY A 398 -5.10 1.72 -17.60
N THR A 399 -5.41 3.01 -17.66
CA THR A 399 -5.45 3.87 -16.47
C THR A 399 -6.30 5.07 -16.75
N LEU A 400 -6.96 5.57 -15.69
CA LEU A 400 -7.70 6.83 -15.73
C LEU A 400 -6.85 7.94 -15.14
N ILE A 401 -6.64 9.00 -15.91
CA ILE A 401 -5.80 10.14 -15.53
C ILE A 401 -6.68 11.37 -15.51
N GLY A 402 -6.66 12.08 -14.39
CA GLY A 402 -7.38 13.36 -14.33
C GLY A 402 -6.52 14.51 -14.81
N TYR A 403 -7.13 15.46 -15.50
CA TYR A 403 -6.44 16.68 -15.97
C TYR A 403 -7.15 17.91 -15.42
N PRO A 404 -6.41 18.90 -14.88
CA PRO A 404 -4.94 18.94 -14.83
C PRO A 404 -4.31 17.97 -13.84
N SER A 405 -3.15 17.45 -14.24
CA SER A 405 -2.40 16.47 -13.45
CA SER A 405 -2.41 16.48 -13.46
C SER A 405 -1.40 17.19 -12.58
N SER A 406 -0.75 16.43 -11.70
CA SER A 406 0.34 17.01 -10.92
C SER A 406 1.24 15.93 -10.37
N TYR A 407 2.48 16.32 -10.08
CA TYR A 407 3.48 15.47 -9.46
C TYR A 407 3.64 14.12 -10.20
N GLY A 408 3.52 14.15 -11.51
CA GLY A 408 3.72 12.96 -12.32
C GLY A 408 2.57 11.97 -12.30
N SER A 409 1.36 12.39 -11.89
CA SER A 409 0.19 11.52 -11.99
C SER A 409 -0.12 11.10 -13.42
N ASP A 410 0.29 11.95 -14.37
CA ASP A 410 0.12 11.69 -15.78
C ASP A 410 1.26 10.86 -16.40
N GLU A 411 2.47 11.41 -16.47
CA GLU A 411 3.58 10.82 -17.22
C GLU A 411 4.23 9.66 -16.50
N GLU A 412 4.12 9.64 -15.18
CA GLU A 412 4.78 8.61 -14.36
C GLU A 412 3.80 7.68 -13.67
N LEU A 413 2.49 7.95 -13.83
CA LEU A 413 1.46 7.21 -13.10
C LEU A 413 1.71 7.20 -11.61
N ASN A 414 2.24 8.32 -11.10
CA ASN A 414 2.44 8.44 -9.66
C ASN A 414 1.12 8.71 -8.91
N ASP A 415 0.99 8.12 -7.73
CA ASP A 415 0.15 8.73 -6.70
C ASP A 415 -1.36 8.70 -6.96
N HIS A 416 -1.87 7.82 -7.80
CA HIS A 416 -3.31 7.94 -8.07
C HIS A 416 -4.14 7.70 -6.81
N HIS A 417 -3.70 6.80 -5.95
CA HIS A 417 -4.41 6.56 -4.69
C HIS A 417 -4.47 7.82 -3.82
N PHE A 418 -3.36 8.57 -3.74
CA PHE A 418 -3.34 9.80 -2.96
C PHE A 418 -4.34 10.80 -3.53
N HIS A 419 -4.30 11.00 -4.85
CA HIS A 419 -5.17 12.01 -5.45
C HIS A 419 -6.63 11.59 -5.35
N TYR A 420 -6.91 10.38 -5.80
CA TYR A 420 -8.30 9.97 -5.95
C TYR A 420 -8.95 9.64 -4.61
N GLY A 421 -8.19 9.31 -3.59
CA GLY A 421 -8.75 9.05 -2.27
C GLY A 421 -9.60 10.22 -1.77
N TYR A 422 -9.13 11.45 -2.03
CA TYR A 422 -9.88 12.64 -1.64
C TYR A 422 -11.20 12.75 -2.40
N PHE A 423 -11.18 12.46 -3.70
CA PHE A 423 -12.41 12.47 -4.52
C PHE A 423 -13.40 11.42 -4.00
N LEU A 424 -12.88 10.24 -3.66
CA LEU A 424 -13.69 9.17 -3.15
C LEU A 424 -14.29 9.50 -1.79
N HIS A 425 -13.52 10.20 -0.96
CA HIS A 425 -14.02 10.62 0.35
C HIS A 425 -15.25 11.54 0.17
N ALA A 426 -15.12 12.53 -0.70
CA ALA A 426 -16.22 13.44 -0.95
C ALA A 426 -17.40 12.70 -1.52
N ALA A 427 -17.18 11.79 -2.45
CA ALA A 427 -18.28 11.02 -3.04
C ALA A 427 -18.98 10.18 -1.99
N ALA A 428 -18.21 9.55 -1.10
CA ALA A 428 -18.78 8.77 -0.01
C ALA A 428 -19.63 9.61 0.94
N GLN A 429 -19.14 10.79 1.30
CA GLN A 429 -19.94 11.67 2.17
C GLN A 429 -21.25 12.05 1.47
N ILE A 430 -21.21 12.31 0.17
CA ILE A 430 -22.45 12.56 -0.56
C ILE A 430 -23.34 11.31 -0.52
N ALA A 431 -22.76 10.14 -0.79
CA ALA A 431 -23.55 8.89 -0.79
C ALA A 431 -24.28 8.57 0.50
N LEU A 432 -23.67 8.93 1.63
CA LEU A 432 -24.28 8.72 2.96
C LEU A 432 -25.53 9.59 3.12
N ARG A 433 -25.62 10.66 2.36
CA ARG A 433 -26.70 11.64 2.45
C ARG A 433 -27.68 11.59 1.29
N ASP A 434 -27.30 10.99 0.18
CA ASP A 434 -28.04 11.12 -1.05
C ASP A 434 -27.82 9.84 -1.86
N PRO A 435 -28.65 8.82 -1.59
CA PRO A 435 -28.55 7.57 -2.32
C PRO A 435 -28.85 7.71 -3.81
N GLN A 436 -29.65 8.70 -4.15
CA GLN A 436 -30.03 8.97 -5.53
C GLN A 436 -28.78 9.40 -6.35
N TRP A 437 -28.07 10.39 -5.82
CA TRP A 437 -26.86 10.92 -6.49
C TRP A 437 -25.79 9.83 -6.71
N ALA A 438 -25.62 9.00 -5.70
CA ALA A 438 -24.58 7.98 -5.69
C ALA A 438 -24.95 6.71 -6.45
N SER A 439 -26.21 6.57 -6.90
CA SER A 439 -26.58 5.36 -7.63
C SER A 439 -25.73 5.19 -8.90
N ARG A 440 -25.54 3.94 -9.31
CA ARG A 440 -24.75 3.62 -10.52
C ARG A 440 -25.25 4.32 -11.78
N ASP A 441 -26.57 4.51 -11.89
CA ASP A 441 -27.16 5.20 -13.04
C ASP A 441 -26.87 6.71 -13.07
N ASN A 442 -26.54 7.28 -11.90
CA ASN A 442 -26.17 8.66 -11.79
C ASN A 442 -24.66 8.79 -11.68
N TRP A 443 -24.11 9.22 -10.55
CA TRP A 443 -22.68 9.48 -10.46
C TRP A 443 -21.86 8.29 -9.95
N GLY A 444 -22.52 7.22 -9.50
CA GLY A 444 -21.81 6.10 -8.92
C GLY A 444 -20.94 5.34 -9.90
N ALA A 445 -21.31 5.34 -11.19
CA ALA A 445 -20.47 4.63 -12.18
C ALA A 445 -19.07 5.27 -12.34
N MET A 446 -19.01 6.60 -12.41
CA MET A 446 -17.71 7.27 -12.47
C MET A 446 -16.93 7.11 -11.16
N VAL A 447 -17.61 7.19 -10.01
CA VAL A 447 -16.95 6.95 -8.75
C VAL A 447 -16.26 5.59 -8.75
N GLU A 448 -16.98 4.58 -9.25
CA GLU A 448 -16.44 3.24 -9.18
CA GLU A 448 -16.49 3.20 -9.25
C GLU A 448 -15.29 3.05 -10.18
N LEU A 449 -15.25 3.84 -11.26
CA LEU A 449 -14.08 3.83 -12.15
C LEU A 449 -12.80 4.37 -11.45
N LEU A 450 -12.94 5.40 -10.60
CA LEU A 450 -11.79 5.87 -9.80
C LEU A 450 -11.35 4.78 -8.84
N ILE A 451 -12.30 4.09 -8.21
CA ILE A 451 -11.95 2.97 -7.34
C ILE A 451 -11.17 1.90 -8.13
N LYS A 452 -11.67 1.57 -9.32
CA LYS A 452 -11.01 0.56 -10.15
C LYS A 452 -9.66 1.00 -10.63
N ASP A 453 -9.45 2.28 -10.91
CA ASP A 453 -8.13 2.69 -11.31
C ASP A 453 -7.09 2.41 -10.21
N ILE A 454 -7.44 2.67 -8.94
CA ILE A 454 -6.46 2.54 -7.86
C ILE A 454 -6.48 1.20 -7.15
N ALA A 455 -7.59 0.47 -7.25
CA ALA A 455 -7.88 -0.68 -6.40
C ALA A 455 -8.91 -1.62 -7.05
N ASN A 456 -8.71 -1.92 -8.33
CA ASN A 456 -9.62 -2.85 -9.02
C ASN A 456 -9.54 -4.23 -8.32
N TRP A 457 -10.69 -4.76 -7.97
CA TRP A 457 -10.85 -6.04 -7.26
C TRP A 457 -11.25 -7.19 -8.22
N ASP A 458 -11.59 -6.86 -9.46
CA ASP A 458 -12.18 -7.80 -10.39
C ASP A 458 -11.14 -8.19 -11.44
N ARG A 459 -10.62 -9.41 -11.30
CA ARG A 459 -9.55 -9.89 -12.16
C ARG A 459 -10.01 -10.09 -13.60
N ASN A 460 -11.32 -10.15 -13.81
CA ASN A 460 -11.85 -10.31 -15.16
C ASN A 460 -12.15 -8.98 -15.84
N ASP A 461 -12.00 -7.86 -15.12
CA ASP A 461 -12.20 -6.54 -15.70
C ASP A 461 -10.84 -6.07 -16.17
N THR A 462 -10.59 -6.20 -17.47
CA THR A 462 -9.28 -5.95 -18.06
C THR A 462 -8.96 -4.49 -18.32
N ARG A 463 -9.87 -3.58 -17.97
CA ARG A 463 -9.64 -2.15 -18.21
C ARG A 463 -8.62 -1.55 -17.25
N PHE A 464 -8.47 -2.18 -16.08
CA PHE A 464 -7.58 -1.70 -15.02
C PHE A 464 -6.88 -2.91 -14.43
N PRO A 465 -5.62 -2.76 -14.01
CA PRO A 465 -4.93 -3.90 -13.43
C PRO A 465 -5.45 -4.19 -12.02
N PHE A 466 -5.16 -5.37 -11.50
CA PHE A 466 -5.62 -5.79 -10.18
C PHE A 466 -4.87 -5.01 -9.10
N LEU A 467 -5.60 -4.31 -8.24
CA LEU A 467 -5.03 -3.60 -7.09
C LEU A 467 -3.79 -2.79 -7.41
N ARG A 468 -3.97 -1.76 -8.22
CA ARG A 468 -2.83 -0.98 -8.67
C ARG A 468 -1.88 -0.55 -7.56
N ASN A 469 -2.31 0.39 -6.71
CA ASN A 469 -1.34 0.95 -5.77
C ASN A 469 -0.96 0.05 -4.60
N PHE A 470 -1.86 -0.86 -4.21
CA PHE A 470 -1.61 -1.69 -3.04
C PHE A 470 -0.72 -2.87 -3.42
N ASP A 471 0.26 -3.20 -2.57
CA ASP A 471 1.13 -4.40 -2.72
C ASP A 471 0.61 -5.41 -1.68
N PRO A 472 -0.04 -6.47 -2.14
CA PRO A 472 -0.65 -7.41 -1.18
C PRO A 472 0.32 -8.08 -0.22
N TYR A 473 1.57 -8.22 -0.63
CA TYR A 473 2.53 -8.97 0.17
C TYR A 473 3.31 -8.07 1.14
N GLU A 474 3.75 -6.91 0.66
CA GLU A 474 4.32 -5.95 1.60
C GLU A 474 3.25 -5.37 2.53
N GLY A 475 1.98 -5.45 2.13
CA GLY A 475 0.88 -4.95 2.94
C GLY A 475 0.69 -3.46 2.96
N HIS A 476 1.27 -2.75 1.99
CA HIS A 476 1.12 -1.32 1.92
C HIS A 476 1.12 -0.90 0.46
N SER A 477 0.92 0.37 0.21
CA SER A 477 0.89 0.92 -1.11
C SER A 477 2.21 1.49 -1.59
N TRP A 478 2.26 1.73 -2.90
CA TRP A 478 3.43 2.29 -3.54
C TRP A 478 3.04 3.50 -4.39
N ALA A 479 3.86 4.53 -4.28
CA ALA A 479 3.60 5.80 -4.95
C ALA A 479 4.07 5.90 -6.37
N SER A 480 5.25 5.32 -6.68
CA SER A 480 5.85 5.52 -8.01
C SER A 480 5.20 4.58 -9.02
N GLY A 481 4.78 5.12 -10.18
CA GLY A 481 4.28 4.25 -11.23
C GLY A 481 5.31 3.26 -11.77
N HIS A 482 6.57 3.71 -11.81
CA HIS A 482 7.63 3.03 -12.53
C HIS A 482 8.74 2.43 -11.68
N ALA A 483 8.92 2.88 -10.42
CA ALA A 483 9.99 2.35 -9.55
C ALA A 483 11.38 2.52 -10.17
N GLY A 484 11.58 3.61 -10.89
CA GLY A 484 12.81 3.87 -11.64
C GLY A 484 13.87 4.54 -10.78
N PHE A 485 14.22 3.89 -9.67
CA PHE A 485 15.18 4.40 -8.69
C PHE A 485 16.08 3.24 -8.26
N ALA A 486 17.33 3.55 -7.91
CA ALA A 486 18.21 2.54 -7.35
C ALA A 486 17.59 1.82 -6.15
N ASP A 487 16.84 2.57 -5.33
CA ASP A 487 16.20 2.01 -4.14
C ASP A 487 14.80 1.46 -4.34
N GLY A 488 14.40 1.34 -5.59
CA GLY A 488 13.12 0.73 -5.93
C GLY A 488 11.94 1.66 -5.83
N ASN A 489 10.79 1.10 -5.50
CA ASN A 489 9.58 1.92 -5.31
C ASN A 489 9.65 2.57 -3.93
N ASN A 490 8.72 3.51 -3.68
CA ASN A 490 8.67 4.23 -2.43
C ASN A 490 7.24 4.55 -2.08
N GLN A 491 7.02 4.77 -0.78
CA GLN A 491 5.82 5.48 -0.33
C GLN A 491 6.24 6.36 0.86
N ALA A 492 5.85 7.63 0.80
CA ALA A 492 6.05 8.57 1.93
C ALA A 492 4.76 8.56 2.78
N SER A 493 3.69 9.18 2.28
CA SER A 493 2.47 9.31 3.06
C SER A 493 1.60 8.04 3.06
N SER A 494 1.78 7.20 4.07
CA SER A 494 0.87 6.08 4.27
C SER A 494 -0.55 6.55 4.62
N SER A 495 -0.65 7.71 5.27
CA SER A 495 -1.96 8.22 5.64
C SER A 495 -2.78 8.65 4.43
N GLU A 496 -2.15 9.17 3.37
CA GLU A 496 -2.93 9.42 2.14
C GLU A 496 -3.39 8.14 1.42
N ALA A 497 -2.65 7.05 1.56
CA ALA A 497 -3.10 5.76 1.05
C ALA A 497 -4.34 5.32 1.86
N ILE A 498 -4.22 5.41 3.19
CA ILE A 498 -5.30 5.02 4.09
C ILE A 498 -6.56 5.87 3.91
N ASN A 499 -6.38 7.14 3.56
CA ASN A 499 -7.52 7.99 3.25
C ASN A 499 -8.34 7.41 2.10
N ALA A 500 -7.65 6.91 1.06
CA ALA A 500 -8.40 6.28 -0.04
C ALA A 500 -9.14 5.04 0.44
N TRP A 501 -8.49 4.24 1.28
CA TRP A 501 -9.09 3.00 1.71
C TRP A 501 -10.29 3.20 2.60
N GLN A 502 -10.19 4.14 3.53
CA GLN A 502 -11.37 4.47 4.36
C GLN A 502 -12.52 4.99 3.53
N ALA A 503 -12.20 5.80 2.52
CA ALA A 503 -13.25 6.29 1.65
C ALA A 503 -13.96 5.15 0.92
N ILE A 504 -13.20 4.13 0.49
CA ILE A 504 -13.79 2.95 -0.15
C ILE A 504 -14.73 2.20 0.81
N ILE A 505 -14.32 2.07 2.07
CA ILE A 505 -15.20 1.45 3.08
C ILE A 505 -16.53 2.22 3.15
N LEU A 506 -16.41 3.54 3.29
CA LEU A 506 -17.62 4.37 3.42
C LEU A 506 -18.48 4.30 2.18
N TRP A 507 -17.86 4.36 0.99
CA TRP A 507 -18.64 4.26 -0.24
C TRP A 507 -19.39 2.94 -0.34
N GLY A 508 -18.69 1.85 -0.08
CA GLY A 508 -19.31 0.54 -0.14
C GLY A 508 -20.44 0.38 0.83
N GLU A 509 -20.25 0.82 2.06
CA GLU A 509 -21.31 0.70 3.03
C GLU A 509 -22.47 1.63 2.69
N ALA A 510 -22.17 2.85 2.24
CA ALA A 510 -23.24 3.82 1.91
C ALA A 510 -24.11 3.34 0.76
N THR A 511 -23.51 2.64 -0.19
CA THR A 511 -24.22 2.20 -1.39
C THR A 511 -24.71 0.76 -1.28
N GLY A 512 -24.51 0.11 -0.14
CA GLY A 512 -24.93 -1.27 0.04
C GLY A 512 -24.19 -2.31 -0.79
N ASN A 513 -22.93 -2.00 -1.13
CA ASN A 513 -22.11 -2.87 -1.96
C ASN A 513 -21.04 -3.54 -1.08
N LYS A 514 -21.34 -4.78 -0.67
CA LYS A 514 -20.46 -5.49 0.27
C LYS A 514 -19.12 -5.81 -0.37
N THR A 515 -19.08 -6.05 -1.68
CA THR A 515 -17.80 -6.35 -2.34
C THR A 515 -16.86 -5.15 -2.22
N ILE A 516 -17.35 -3.96 -2.54
CA ILE A 516 -16.51 -2.78 -2.46
C ILE A 516 -16.19 -2.44 -1.01
N ARG A 517 -17.18 -2.55 -0.13
CA ARG A 517 -16.91 -2.29 1.28
C ARG A 517 -15.78 -3.20 1.82
N ASP A 518 -15.88 -4.49 1.50
CA ASP A 518 -14.95 -5.46 2.06
C ASP A 518 -13.56 -5.28 1.47
N LEU A 519 -13.49 -4.87 0.21
CA LEU A 519 -12.23 -4.44 -0.42
C LEU A 519 -11.60 -3.33 0.43
N GLY A 520 -12.39 -2.32 0.77
CA GLY A 520 -11.89 -1.23 1.61
C GLY A 520 -11.37 -1.72 2.94
N ILE A 521 -12.11 -2.62 3.59
CA ILE A 521 -11.72 -3.15 4.88
C ILE A 521 -10.40 -3.90 4.75
N TYR A 522 -10.27 -4.70 3.70
CA TYR A 522 -9.01 -5.40 3.40
C TYR A 522 -7.83 -4.44 3.27
N LEU A 523 -8.00 -3.43 2.41
CA LEU A 523 -6.92 -2.46 2.19
C LEU A 523 -6.57 -1.68 3.43
N TYR A 524 -7.58 -1.12 4.06
CA TYR A 524 -7.40 -0.29 5.24
C TYR A 524 -6.74 -1.05 6.37
N THR A 525 -7.30 -2.20 6.72
CA THR A 525 -6.79 -2.97 7.85
CA THR A 525 -6.77 -2.96 7.87
C THR A 525 -5.35 -3.41 7.62
N THR A 526 -5.08 -3.87 6.39
CA THR A 526 -3.74 -4.37 6.10
C THR A 526 -2.73 -3.21 6.08
N GLU A 527 -3.05 -2.10 5.39
CA GLU A 527 -2.11 -0.98 5.38
C GLU A 527 -1.81 -0.47 6.78
N VAL A 528 -2.82 -0.41 7.63
CA VAL A 528 -2.60 0.03 9.00
C VAL A 528 -1.60 -0.92 9.70
N GLU A 529 -1.76 -2.22 9.50
CA GLU A 529 -0.85 -3.20 10.12
C GLU A 529 0.59 -2.99 9.62
N ALA A 530 0.75 -2.76 8.30
CA ALA A 530 2.08 -2.49 7.76
C ALA A 530 2.67 -1.18 8.30
N VAL A 531 1.84 -0.14 8.38
CA VAL A 531 2.25 1.16 8.89
C VAL A 531 2.79 1.06 10.30
N CYS A 532 2.10 0.29 11.14
CA CYS A 532 2.53 0.12 12.52
C CYS A 532 3.92 -0.51 12.65
N ASN A 533 4.34 -1.25 11.62
CA ASN A 533 5.67 -1.81 11.56
C ASN A 533 6.70 -0.94 10.85
N TYR A 534 6.47 -0.62 9.58
CA TYR A 534 7.56 -0.09 8.73
C TYR A 534 7.69 1.42 8.79
N TRP A 535 6.62 2.10 9.21
CA TRP A 535 6.68 3.56 9.43
C TRP A 535 6.86 3.95 10.90
N PHE A 536 6.12 3.30 11.80
CA PHE A 536 6.18 3.66 13.22
C PHE A 536 6.94 2.68 14.12
N ASP A 537 7.22 1.47 13.61
CA ASP A 537 7.90 0.41 14.39
C ASP A 537 7.41 0.39 15.84
N LEU A 538 6.11 0.20 16.00
CA LEU A 538 5.51 0.17 17.34
C LEU A 538 6.06 -0.91 18.25
N TYR A 539 6.46 -2.03 17.66
CA TYR A 539 6.94 -3.18 18.43
C TYR A 539 8.46 -3.09 18.72
N LYS A 540 9.11 -2.07 18.16
CA LYS A 540 10.50 -1.75 18.46
C LYS A 540 11.46 -2.86 18.04
N ASP A 541 11.12 -3.57 16.99
CA ASP A 541 11.96 -4.66 16.48
C ASP A 541 12.20 -4.66 14.98
N ILE A 542 11.77 -3.62 14.27
CA ILE A 542 11.99 -3.48 12.84
C ILE A 542 13.24 -2.64 12.56
N PHE A 543 13.32 -1.44 13.14
CA PHE A 543 14.38 -0.50 12.81
C PHE A 543 15.69 -0.94 13.42
N SER A 544 16.76 -0.75 12.67
CA SER A 544 18.12 -1.01 13.17
C SER A 544 18.46 -0.13 14.37
N PRO A 545 19.22 -0.66 15.34
CA PRO A 545 19.69 0.22 16.40
C PRO A 545 20.50 1.42 15.90
N SER A 546 21.13 1.30 14.73
CA SER A 546 21.91 2.38 14.16
C SER A 546 21.05 3.46 13.50
N TYR A 547 19.77 3.17 13.22
CA TYR A 547 18.86 4.16 12.68
C TYR A 547 18.49 5.09 13.83
N GLY A 548 18.60 6.39 13.58
CA GLY A 548 18.53 7.39 14.65
C GLY A 548 17.16 7.96 15.02
N HIS A 549 16.09 7.24 14.71
CA HIS A 549 14.74 7.76 14.87
C HIS A 549 13.80 6.62 15.25
N ASN A 550 12.64 6.99 15.80
CA ASN A 550 11.55 6.08 16.13
C ASN A 550 10.45 6.03 15.05
N TYR A 551 10.74 6.62 13.91
CA TYR A 551 9.79 6.88 12.84
C TYR A 551 10.58 6.93 11.55
N ALA A 552 10.02 6.31 10.49
CA ALA A 552 10.52 6.49 9.13
C ALA A 552 9.43 7.19 8.33
N SER A 553 9.80 8.29 7.68
CA SER A 553 8.85 9.03 6.83
C SER A 553 8.72 8.49 5.42
N MET A 554 9.77 7.83 4.90
CA MET A 554 9.73 7.20 3.59
C MET A 554 10.25 5.78 3.65
N VAL A 555 9.47 4.88 3.06
CA VAL A 555 9.82 3.48 2.93
C VAL A 555 10.02 3.15 1.45
N TRP A 556 11.21 2.62 1.16
CA TRP A 556 11.60 2.20 -0.17
C TRP A 556 11.83 0.70 -0.21
N GLY A 557 11.94 0.14 -1.41
CA GLY A 557 12.43 -1.23 -1.54
C GLY A 557 13.79 -1.46 -0.93
N GLY A 558 14.67 -0.48 -1.10
CA GLY A 558 16.10 -0.61 -0.75
C GLY A 558 16.58 0.26 0.39
N LYS A 559 15.72 1.03 1.04
CA LYS A 559 16.10 1.81 2.24
C LYS A 559 14.84 2.25 2.96
N TYR A 560 15.01 2.77 4.16
CA TYR A 560 13.98 3.60 4.77
C TYR A 560 14.68 4.77 5.40
N CYS A 561 13.97 5.88 5.54
CA CYS A 561 14.65 7.09 6.00
C CYS A 561 13.70 8.09 6.60
N HIS A 562 14.30 9.09 7.23
CA HIS A 562 13.63 10.19 7.91
C HIS A 562 13.80 11.47 7.07
N GLU A 563 13.43 11.34 5.80
CA GLU A 563 13.49 12.41 4.81
C GLU A 563 12.15 12.54 4.12
N ILE A 564 11.92 13.71 3.51
CA ILE A 564 10.75 13.95 2.67
C ILE A 564 11.17 14.65 1.39
N TRP A 565 10.23 14.85 0.48
CA TRP A 565 10.59 15.36 -0.83
C TRP A 565 10.94 16.82 -0.93
N TRP A 566 10.64 17.59 0.11
CA TRP A 566 10.99 19.00 0.16
C TRP A 566 11.74 19.31 1.44
N ASN A 567 12.29 20.52 1.51
CA ASN A 567 13.09 20.95 2.65
C ASN A 567 12.17 21.48 3.74
N GLY A 568 11.45 20.57 4.37
CA GLY A 568 10.49 20.94 5.43
C GLY A 568 11.07 20.75 6.81
N THR A 569 10.31 21.18 7.81
CA THR A 569 10.71 21.00 9.18
C THR A 569 10.49 19.54 9.58
N ASN A 570 11.02 19.17 10.74
CA ASN A 570 10.76 17.85 11.28
C ASN A 570 9.29 17.65 11.69
N SER A 571 8.59 18.73 11.96
CA SER A 571 7.14 18.66 12.10
C SER A 571 6.46 18.21 10.81
N GLU A 572 6.86 18.80 9.69
CA GLU A 572 6.37 18.33 8.39
C GLU A 572 6.77 16.87 8.12
N LYS A 573 8.00 16.49 8.45
CA LYS A 573 8.44 15.14 8.20
C LYS A 573 7.56 14.12 8.94
N HIS A 574 7.23 14.41 10.19
CA HIS A 574 6.31 13.55 10.98
C HIS A 574 4.86 13.64 10.46
N GLY A 575 4.42 14.86 10.13
CA GLY A 575 3.02 15.09 9.79
C GLY A 575 2.55 14.45 8.49
N ILE A 576 3.48 14.19 7.55
CA ILE A 576 3.04 13.59 6.30
C ILE A 576 2.50 12.17 6.48
N ASN A 577 2.75 11.53 7.62
CA ASN A 577 2.17 10.22 7.90
C ASN A 577 0.99 10.26 8.84
N PHE A 578 0.53 11.49 9.13
CA PHE A 578 -0.73 11.68 9.84
C PHE A 578 -1.82 12.18 8.91
N LEU A 579 -1.51 13.18 8.09
CA LEU A 579 -2.57 13.84 7.31
C LEU A 579 -2.93 13.02 6.06
N PRO A 580 -4.19 13.09 5.61
CA PRO A 580 -5.28 13.81 6.26
C PRO A 580 -5.80 13.03 7.47
N ILE A 581 -6.08 13.76 8.54
N ILE A 581 -6.07 13.78 8.53
CA ILE A 581 -6.67 13.15 9.72
CA ILE A 581 -6.77 13.24 9.69
C ILE A 581 -8.19 13.10 9.52
C ILE A 581 -8.22 13.10 9.34
N THR A 582 -8.75 11.89 9.44
CA THR A 582 -10.18 11.67 9.27
C THR A 582 -10.66 10.85 10.48
N ALA A 583 -11.95 10.55 10.53
CA ALA A 583 -12.45 9.67 11.58
C ALA A 583 -12.10 8.20 11.38
N ALA A 584 -11.30 7.92 10.36
CA ALA A 584 -10.63 6.63 10.20
C ALA A 584 -9.19 6.67 10.69
N SER A 585 -8.75 7.79 11.28
CA SER A 585 -7.35 7.96 11.67
C SER A 585 -7.05 7.61 13.11
N LEU A 586 -7.99 7.02 13.81
CA LEU A 586 -7.75 6.66 15.18
C LEU A 586 -6.63 5.62 15.33
N TYR A 587 -6.36 4.85 14.26
CA TYR A 587 -5.25 3.91 14.27
C TYR A 587 -3.94 4.54 14.66
N LEU A 588 -3.78 5.84 14.42
CA LEU A 588 -2.53 6.50 14.79
C LEU A 588 -2.23 6.38 16.28
N GLY A 589 -3.29 6.26 17.07
CA GLY A 589 -3.23 6.19 18.51
C GLY A 589 -3.29 4.80 19.11
N LYS A 590 -3.01 3.75 18.31
CA LYS A 590 -2.96 2.38 18.88
C LYS A 590 -2.14 2.29 20.15
N ASP A 591 -1.00 2.95 20.18
CA ASP A 591 -0.17 3.01 21.39
C ASP A 591 -0.04 4.48 21.79
N PRO A 592 -0.78 4.91 22.81
CA PRO A 592 -0.65 6.32 23.22
C PRO A 592 0.76 6.72 23.67
N ASN A 593 1.54 5.77 24.24
CA ASN A 593 2.91 6.07 24.61
C ASN A 593 3.75 6.37 23.37
N TYR A 594 3.45 5.70 22.24
CA TYR A 594 4.16 6.01 21.01
C TYR A 594 3.81 7.41 20.51
N ILE A 595 2.54 7.82 20.63
CA ILE A 595 2.18 9.20 20.27
C ILE A 595 3.13 10.20 21.01
N LYS A 596 3.27 9.99 22.31
CA LYS A 596 4.14 10.82 23.14
C LYS A 596 5.59 10.79 22.67
N GLN A 597 6.12 9.58 22.44
CA GLN A 597 7.50 9.42 21.98
C GLN A 597 7.74 10.06 20.62
N ASN A 598 6.79 9.84 19.69
CA ASN A 598 6.89 10.37 18.33
C ASN A 598 6.88 11.90 18.37
N TYR A 599 5.91 12.47 19.07
CA TYR A 599 5.81 13.91 19.22
C TYR A 599 7.03 14.52 19.89
N GLU A 600 7.53 13.87 20.95
CA GLU A 600 8.73 14.36 21.65
CA GLU A 600 8.72 14.39 21.64
C GLU A 600 9.98 14.28 20.78
N GLU A 601 10.08 13.22 19.96
CA GLU A 601 11.20 13.16 19.02
C GLU A 601 11.13 14.33 18.04
N MET A 602 9.93 14.56 17.50
CA MET A 602 9.71 15.66 16.57
C MET A 602 10.15 17.02 17.17
N LEU A 603 9.79 17.27 18.41
CA LEU A 603 10.19 18.50 19.09
C LEU A 603 11.71 18.61 19.22
N ARG A 604 12.34 17.53 19.66
CA ARG A 604 13.79 17.50 19.79
C ARG A 604 14.48 17.81 18.47
N GLU A 605 13.96 17.19 17.40
CA GLU A 605 14.53 17.38 16.08
C GLU A 605 14.31 18.79 15.54
N CYS A 606 13.17 19.40 15.87
CA CYS A 606 12.93 20.80 15.50
C CYS A 606 13.73 21.79 16.34
N GLY A 607 14.20 21.36 17.51
CA GLY A 607 14.85 22.23 18.49
C GLY A 607 13.92 23.19 19.16
N THR A 608 12.65 22.79 19.31
CA THR A 608 11.62 23.67 19.84
C THR A 608 10.82 22.96 20.93
N SER A 609 10.05 23.72 21.71
CA SER A 609 9.18 23.13 22.77
C SER A 609 7.75 22.89 22.32
N GLN A 610 7.38 23.49 21.18
CA GLN A 610 6.13 23.25 20.48
C GLN A 610 6.45 23.13 18.99
N PRO A 611 5.56 22.52 18.21
CA PRO A 611 5.88 22.38 16.77
C PRO A 611 6.09 23.74 16.12
N PRO A 612 7.10 23.89 15.26
CA PRO A 612 7.32 25.21 14.63
C PRO A 612 6.25 25.57 13.60
N ASN A 613 5.66 24.52 13.02
CA ASN A 613 4.67 24.64 11.99
C ASN A 613 3.82 23.35 11.94
N TRP A 614 2.79 23.34 11.12
CA TRP A 614 1.78 22.27 11.15
C TRP A 614 1.30 21.95 12.56
N LYS A 615 1.10 23.02 13.35
CA LYS A 615 0.67 22.83 14.73
C LYS A 615 -0.70 22.16 14.81
N ASP A 616 -1.60 22.51 13.86
CA ASP A 616 -2.91 21.84 13.79
C ASP A 616 -2.80 20.31 13.65
N ILE A 617 -2.02 19.88 12.67
CA ILE A 617 -1.81 18.44 12.44
C ILE A 617 -1.19 17.82 13.69
N GLN A 618 -0.17 18.49 14.25
CA GLN A 618 0.54 17.92 15.41
C GLN A 618 -0.33 17.87 16.65
N TYR A 619 -1.17 18.89 16.85
CA TYR A 619 -2.02 18.85 18.05
C TYR A 619 -3.19 17.87 17.90
N MET A 620 -3.69 17.65 16.68
CA MET A 620 -4.64 16.55 16.45
CA MET A 620 -4.64 16.57 16.44
C MET A 620 -4.03 15.20 16.77
N TYR A 621 -2.74 15.03 16.41
CA TYR A 621 -2.01 13.80 16.70
C TYR A 621 -1.78 13.64 18.22
N TYR A 622 -1.33 14.74 18.86
CA TYR A 622 -0.99 14.71 20.28
C TYR A 622 -2.26 14.47 21.12
N ALA A 623 -3.42 14.88 20.60
CA ALA A 623 -4.70 14.62 21.27
C ALA A 623 -5.02 13.13 21.41
N LEU A 624 -4.30 12.25 20.69
CA LEU A 624 -4.41 10.81 20.89
C LEU A 624 -3.58 10.30 22.07
N TYR A 625 -2.91 11.22 22.77
CA TYR A 625 -2.28 10.95 24.07
C TYR A 625 -2.87 11.84 25.18
N ASP A 626 -2.93 13.15 24.94
CA ASP A 626 -3.37 14.12 25.95
C ASP A 626 -4.22 15.21 25.28
N PRO A 627 -5.52 14.92 25.10
CA PRO A 627 -6.38 15.90 24.44
C PRO A 627 -6.54 17.23 25.19
N ALA A 628 -6.49 17.18 26.52
CA ALA A 628 -6.59 18.43 27.29
C ALA A 628 -5.41 19.36 27.01
N ALA A 629 -4.21 18.78 26.94
CA ALA A 629 -3.04 19.56 26.60
C ALA A 629 -3.12 20.06 25.14
N ALA A 630 -3.56 19.19 24.24
CA ALA A 630 -3.69 19.59 22.83
C ALA A 630 -4.66 20.77 22.66
N LYS A 631 -5.80 20.70 23.37
CA LYS A 631 -6.75 21.80 23.36
C LYS A 631 -6.15 23.10 23.89
N ASN A 632 -5.37 22.99 24.96
CA ASN A 632 -4.74 24.15 25.55
C ASN A 632 -3.74 24.82 24.59
N MET A 633 -2.96 24.00 23.87
CA MET A 633 -1.97 24.50 22.92
C MET A 633 -2.60 25.03 21.64
N TRP A 634 -3.73 24.45 21.25
CA TRP A 634 -4.39 24.92 20.07
C TRP A 634 -4.85 26.38 20.27
N ASN A 635 -4.82 27.15 19.19
CA ASN A 635 -5.47 28.46 19.20
C ASN A 635 -5.79 28.91 17.78
N GLU A 636 -6.58 29.97 17.69
CA GLU A 636 -7.01 30.49 16.40
C GLU A 636 -5.97 31.18 15.58
N SER A 637 -4.79 31.47 16.15
CA SER A 637 -3.69 32.06 15.35
C SER A 637 -3.09 31.07 14.40
N ILE A 638 -3.27 29.78 14.65
CA ILE A 638 -2.69 28.77 13.77
C ILE A 638 -3.31 28.87 12.40
N VAL A 639 -2.49 29.04 11.37
CA VAL A 639 -3.00 29.04 10.01
C VAL A 639 -3.11 27.57 9.58
N PRO A 640 -4.32 27.08 9.26
CA PRO A 640 -4.46 25.66 8.93
C PRO A 640 -3.55 25.19 7.82
N GLU A 641 -3.05 23.97 7.97
CA GLU A 641 -2.52 23.24 6.85
C GLU A 641 -3.59 23.25 5.73
N ASP A 642 -3.16 23.30 4.47
CA ASP A 642 -4.12 23.56 3.40
C ASP A 642 -5.31 22.57 3.26
N GLY A 643 -5.12 21.33 3.70
CA GLY A 643 -6.17 20.35 3.69
C GLY A 643 -7.03 20.31 4.95
N GLU A 644 -6.72 21.16 5.91
CA GLU A 644 -7.39 21.17 7.21
C GLU A 644 -8.22 22.46 7.38
N SER A 645 -9.05 22.45 8.42
CA SER A 645 -9.81 23.64 8.80
C SER A 645 -9.75 23.81 10.30
N LYS A 646 -9.90 25.05 10.76
CA LYS A 646 -10.01 25.30 12.18
C LYS A 646 -11.17 24.50 12.78
N ALA A 647 -12.31 24.48 12.06
CA ALA A 647 -13.48 23.77 12.57
C ALA A 647 -13.17 22.30 12.80
N HIS A 648 -12.59 21.65 11.78
CA HIS A 648 -12.35 20.20 11.90
C HIS A 648 -11.27 19.88 12.95
N THR A 649 -10.21 20.69 12.98
CA THR A 649 -9.12 20.50 13.95
C THR A 649 -9.64 20.63 15.37
N TYR A 650 -10.40 21.70 15.62
CA TYR A 650 -10.96 22.04 16.97
CA TYR A 650 -10.85 21.92 16.97
C TYR A 650 -11.96 20.96 17.39
N HIS A 651 -12.80 20.55 16.44
CA HIS A 651 -13.83 19.52 16.68
C HIS A 651 -13.18 18.17 17.05
N TRP A 652 -12.08 17.83 16.35
CA TRP A 652 -11.36 16.59 16.61
C TRP A 652 -10.80 16.61 18.04
N ILE A 653 -10.04 17.66 18.34
CA ILE A 653 -9.35 17.73 19.62
C ILE A 653 -10.36 17.73 20.78
N CYS A 654 -11.41 18.55 20.65
CA CYS A 654 -12.38 18.70 21.75
C CYS A 654 -13.27 17.47 21.91
N ASN A 655 -13.54 16.73 20.81
CA ASN A 655 -14.22 15.44 20.96
C ASN A 655 -13.35 14.44 21.71
N LEU A 656 -12.05 14.36 21.41
CA LEU A 656 -11.21 13.43 22.18
C LEU A 656 -11.12 13.83 23.66
N ASP A 657 -11.15 15.15 23.90
CA ASP A 657 -11.18 15.70 25.26
C ASP A 657 -12.39 15.18 26.07
N SER A 658 -13.54 15.04 25.40
CA SER A 658 -14.75 14.56 26.01
CA SER A 658 -14.78 14.54 26.00
C SER A 658 -14.88 13.03 26.04
N LEU A 659 -14.60 12.41 24.89
CA LEU A 659 -14.83 10.96 24.68
C LEU A 659 -13.75 10.10 25.30
N GLY A 660 -12.52 10.61 25.35
CA GLY A 660 -11.36 9.80 25.67
C GLY A 660 -10.64 9.30 24.44
N LEU A 661 -9.64 8.46 24.69
CA LEU A 661 -8.79 7.93 23.66
C LEU A 661 -9.41 6.69 23.02
N PRO A 662 -9.05 6.40 21.76
CA PRO A 662 -9.58 5.18 21.16
C PRO A 662 -9.18 3.92 21.94
N ASP A 663 -10.11 3.00 22.07
CA ASP A 663 -9.92 1.77 22.83
C ASP A 663 -9.97 0.60 21.85
N PHE A 664 -8.81 0.02 21.60
CA PHE A 664 -8.67 -1.06 20.63
C PHE A 664 -8.90 -2.45 21.22
N SER A 665 -9.33 -2.53 22.47
CA SER A 665 -9.54 -3.82 23.12
C SER A 665 -10.99 -4.32 22.98
N VAL A 666 -11.82 -3.57 22.28
CA VAL A 666 -13.25 -3.88 22.10
C VAL A 666 -13.60 -3.80 20.63
N THR A 667 -14.30 -4.81 20.12
CA THR A 667 -14.81 -4.79 18.75
C THR A 667 -16.32 -4.88 18.73
N ALA A 668 -16.90 -4.78 17.54
CA ALA A 668 -18.34 -4.79 17.36
C ALA A 668 -18.71 -5.48 16.08
N ASP A 669 -19.95 -5.96 16.03
CA ASP A 669 -20.49 -6.69 14.87
C ASP A 669 -21.13 -5.80 13.80
N THR A 670 -20.44 -4.70 13.48
CA THR A 670 -20.90 -3.75 12.47
C THR A 670 -19.69 -3.07 11.85
N PRO A 671 -19.82 -2.49 10.62
CA PRO A 671 -18.60 -1.95 10.00
C PRO A 671 -18.23 -0.55 10.47
N LEU A 672 -19.21 0.28 10.87
CA LEU A 672 -18.93 1.69 11.17
C LEU A 672 -19.18 1.92 12.66
N TYR A 673 -18.10 1.92 13.42
CA TYR A 673 -18.13 2.13 14.85
C TYR A 673 -16.77 2.61 15.32
N SER A 674 -16.74 3.13 16.54
CA SER A 674 -15.49 3.30 17.30
C SER A 674 -15.82 3.34 18.79
N VAL A 675 -14.86 2.93 19.60
CA VAL A 675 -14.98 2.96 21.05
C VAL A 675 -13.88 3.83 21.62
N PHE A 676 -14.27 4.66 22.58
CA PHE A 676 -13.39 5.61 23.24
C PHE A 676 -13.40 5.32 24.75
N ASN A 677 -12.31 5.67 25.43
CA ASN A 677 -12.14 5.35 26.84
C ASN A 677 -11.51 6.55 27.53
N LYS A 678 -12.27 7.18 28.43
N LYS A 678 -12.27 7.21 28.41
CA LYS A 678 -11.78 8.31 29.23
CA LYS A 678 -11.74 8.31 29.22
C LYS A 678 -11.77 7.86 30.68
C LYS A 678 -11.76 7.85 30.67
N ASN A 679 -10.56 7.66 31.23
CA ASN A 679 -10.42 7.26 32.61
C ASN A 679 -11.30 6.06 32.98
N ASN A 680 -11.26 5.07 32.12
CA ASN A 680 -11.99 3.80 32.27
C ASN A 680 -13.50 3.86 32.08
N ILE A 681 -14.01 4.96 31.54
CA ILE A 681 -15.42 5.07 31.12
C ILE A 681 -15.45 5.00 29.60
N ARG A 682 -16.14 4.01 29.05
CA ARG A 682 -16.24 3.83 27.60
C ARG A 682 -17.41 4.57 27.00
N THR A 683 -17.17 5.19 25.85
CA THR A 683 -18.22 5.74 25.00
C THR A 683 -18.17 4.99 23.67
N TYR A 684 -19.34 4.57 23.23
CA TYR A 684 -19.51 3.75 22.05
C TYR A 684 -20.21 4.57 20.98
N VAL A 685 -19.66 4.61 19.78
CA VAL A 685 -20.22 5.39 18.68
C VAL A 685 -20.45 4.46 17.51
N VAL A 686 -21.63 4.48 16.95
CA VAL A 686 -21.99 3.68 15.78
C VAL A 686 -22.60 4.57 14.71
N TYR A 687 -22.31 4.30 13.45
CA TYR A 687 -23.06 4.87 12.36
C TYR A 687 -23.76 3.75 11.62
N ASN A 688 -25.07 3.88 11.44
CA ASN A 688 -25.86 2.95 10.63
C ASN A 688 -26.16 3.59 9.30
N ALA A 689 -25.49 3.12 8.26
CA ALA A 689 -25.67 3.62 6.91
C ALA A 689 -26.78 2.90 6.14
N SER A 690 -27.43 1.93 6.77
CA SER A 690 -28.49 1.15 6.10
C SER A 690 -29.85 1.78 6.32
N SER A 691 -30.85 1.25 5.61
CA SER A 691 -32.22 1.73 5.73
C SER A 691 -33.05 0.98 6.77
N SER A 692 -32.43 0.07 7.51
CA SER A 692 -33.10 -0.65 8.61
C SER A 692 -32.38 -0.36 9.92
N ALA A 693 -33.12 -0.37 11.03
CA ALA A 693 -32.50 -0.33 12.36
C ALA A 693 -31.54 -1.51 12.54
N LYS A 694 -30.45 -1.27 13.27
CA LYS A 694 -29.41 -2.26 13.56
C LYS A 694 -29.32 -2.47 15.05
N LYS A 695 -29.13 -3.71 15.46
CA LYS A 695 -28.69 -4.01 16.81
C LYS A 695 -27.20 -4.31 16.73
N VAL A 696 -26.41 -3.51 17.44
CA VAL A 696 -24.94 -3.62 17.44
C VAL A 696 -24.51 -4.09 18.81
N THR A 697 -23.72 -5.17 18.81
CA THR A 697 -23.22 -5.77 20.02
C THR A 697 -21.71 -5.69 20.04
N PHE A 698 -21.16 -5.20 21.16
CA PHE A 698 -19.72 -5.06 21.37
C PHE A 698 -19.19 -6.24 22.17
N SER A 699 -17.88 -6.45 22.07
CA SER A 699 -17.26 -7.64 22.70
C SER A 699 -17.24 -7.58 24.23
N ASP A 700 -17.47 -6.38 24.79
CA ASP A 700 -17.60 -6.24 26.24
C ASP A 700 -19.07 -6.34 26.73
N GLY A 701 -19.99 -6.67 25.84
CA GLY A 701 -21.40 -6.79 26.20
C GLY A 701 -22.29 -5.60 25.92
N LYS A 702 -21.71 -4.46 25.56
CA LYS A 702 -22.53 -3.29 25.25
C LYS A 702 -23.43 -3.63 24.06
N VAL A 703 -24.70 -3.25 24.15
CA VAL A 703 -25.65 -3.39 23.05
C VAL A 703 -26.29 -2.04 22.77
N MET A 704 -26.30 -1.64 21.50
CA MET A 704 -26.98 -0.43 21.05
C MET A 704 -27.90 -0.74 19.88
N THR A 705 -29.10 -0.16 19.90
CA THR A 705 -29.97 -0.21 18.76
C THR A 705 -29.90 1.16 18.09
N VAL A 706 -29.64 1.18 16.80
CA VAL A 706 -29.34 2.39 16.04
C VAL A 706 -30.27 2.47 14.86
N GLY A 707 -30.98 3.59 14.77
CA GLY A 707 -31.92 3.77 13.69
C GLY A 707 -31.25 3.92 12.31
N PRO A 708 -32.02 3.73 11.25
CA PRO A 708 -31.49 3.88 9.91
C PRO A 708 -30.88 5.25 9.63
N HIS A 709 -29.78 5.26 8.86
CA HIS A 709 -29.14 6.50 8.43
C HIS A 709 -28.92 7.45 9.60
N SER A 710 -28.28 6.95 10.65
N SER A 710 -28.34 6.91 10.68
CA SER A 710 -27.98 7.79 11.78
CA SER A 710 -28.16 7.62 11.96
C SER A 710 -26.79 7.36 12.57
C SER A 710 -26.81 7.33 12.62
N MET A 711 -26.26 8.34 13.29
CA MET A 711 -25.21 8.13 14.29
CA MET A 711 -25.21 8.19 14.28
C MET A 711 -25.83 8.02 15.67
N ALA A 712 -25.32 7.11 16.47
CA ALA A 712 -25.73 6.95 17.86
C ALA A 712 -24.50 6.91 18.74
N VAL A 713 -24.63 7.48 19.94
CA VAL A 713 -23.57 7.53 20.94
C VAL A 713 -24.16 7.10 22.27
N SER A 714 -23.44 6.23 22.97
CA SER A 714 -23.86 5.80 24.32
C SER A 714 -22.63 5.70 25.20
N THR A 715 -22.69 6.30 26.39
CA THR A 715 -21.59 6.25 27.35
C THR A 715 -21.93 5.33 28.52
N GLY A 716 -20.99 4.47 28.88
CA GLY A 716 -21.13 3.63 30.07
C GLY A 716 -21.91 2.38 29.82
N SER A 717 -22.20 1.70 30.92
CA SER A 717 -22.84 0.40 30.91
C SER A 717 -24.29 0.56 31.28
CA CA B . -0.38 -3.40 -6.69
CA CA C . -15.75 18.30 -16.81
CA CA D . -15.88 22.14 -16.60
C1 MPD E . -8.10 27.65 -25.08
C2 MPD E . -8.14 26.40 -25.95
O2 MPD E . -8.92 26.79 -27.08
CM MPD E . -8.81 25.31 -25.14
C3 MPD E . -6.78 25.94 -26.41
C4 MPD E . -5.77 25.66 -25.30
O4 MPD E . -6.27 24.75 -24.31
C5 MPD E . -4.48 25.09 -25.87
C1 MPD F . 1.78 17.79 -0.02
C2 MPD F . 1.20 17.71 1.40
O2 MPD F . 1.42 18.92 2.20
CM MPD F . -0.27 17.63 1.24
C3 MPD F . 1.60 16.45 2.19
C4 MPD F . 1.32 15.12 1.51
O4 MPD F . 2.44 14.75 0.66
C5 MPD F . 1.13 14.05 2.55
C1 MPD G . 5.54 14.89 -4.32
C2 MPD G . 4.75 15.02 -3.04
O2 MPD G . 4.91 13.81 -2.27
CM MPD G . 5.36 16.13 -2.17
C3 MPD G . 3.25 15.30 -3.28
C4 MPD G . 2.57 14.24 -4.16
O4 MPD G . 2.73 12.92 -3.57
C5 MPD G . 1.08 14.55 -4.28
C1 MPD H . -24.89 12.69 11.63
C2 MPD H . -24.51 13.61 10.48
O2 MPD H . -23.72 14.70 10.97
CM MPD H . -25.77 14.21 9.85
C3 MPD H . -23.62 12.89 9.45
C4 MPD H . -24.29 11.77 8.64
O4 MPD H . -25.18 12.27 7.63
C5 MPD H . -23.23 10.92 7.94
C1 MPD I . -1.01 22.63 -18.69
C2 MPD I . -2.39 23.17 -18.45
O2 MPD I . -2.39 24.61 -18.55
CM MPD I . -2.80 22.91 -17.03
C3 MPD I . -3.37 22.48 -19.44
C4 MPD I . -3.40 20.93 -19.46
O4 MPD I . -3.48 20.41 -18.14
C5 MPD I . -4.56 20.26 -20.24
C1 MPD J . 10.88 15.83 -5.57
C2 MPD J . 10.62 14.81 -6.67
O2 MPD J . 10.01 15.48 -7.77
CM MPD J . 11.94 14.20 -7.11
C3 MPD J . 9.66 13.69 -6.19
C4 MPD J . 8.71 13.08 -7.23
O4 MPD J . 9.26 12.98 -8.55
C5 MPD J . 8.35 11.65 -6.82
C1 MPD K . -8.15 -4.82 -22.38
C2 MPD K . -8.57 -3.39 -22.71
O2 MPD K . -8.51 -3.21 -24.12
CM MPD K . -10.00 -3.15 -22.20
C3 MPD K . -7.64 -2.37 -22.05
C4 MPD K . -6.21 -2.32 -22.60
O4 MPD K . -6.14 -1.59 -23.83
C5 MPD K . -5.30 -1.61 -21.62
C1 MPD L . -28.03 27.40 14.52
C2 MPD L . -26.83 28.25 14.16
O2 MPD L . -26.04 27.59 13.13
CM MPD L . -27.35 29.58 13.59
C3 MPD L . -25.95 28.60 15.38
C4 MPD L . -25.34 27.47 16.24
O4 MPD L . -24.33 28.00 17.14
C5 MPD L . -26.36 26.80 17.16
C1 MPD M . 23.19 -35.93 -1.70
C2 MPD M . 23.06 -35.39 -0.29
O2 MPD M . 21.74 -35.70 0.19
CM MPD M . 24.09 -36.06 0.62
C3 MPD M . 23.26 -33.86 -0.20
C4 MPD M . 22.41 -33.05 -1.17
O4 MPD M . 21.03 -33.37 -1.03
C5 MPD M . 22.59 -31.56 -0.97
C1 MPD N . -16.56 -8.25 18.70
C2 MPD N . -17.14 -9.47 18.08
O2 MPD N . -17.58 -8.87 16.85
CM MPD N . -15.99 -10.48 18.01
C3 MPD N . -18.23 -10.16 18.89
C4 MPD N . -19.55 -9.43 19.02
O4 MPD N . -20.35 -10.07 20.03
C5 MPD N . -19.28 -8.06 19.50
C1 MPD O . 14.35 12.19 -0.39
C2 MPD O . 15.61 11.47 -0.85
O2 MPD O . 15.82 10.37 0.04
CM MPD O . 16.75 12.48 -0.78
C3 MPD O . 15.44 11.01 -2.31
C4 MPD O . 16.61 10.28 -2.97
O4 MPD O . 16.89 9.06 -2.27
C5 MPD O . 16.32 9.93 -4.44
C1 MPD P . 13.70 -27.75 8.58
C2 MPD P . 14.38 -29.10 8.62
O2 MPD P . 14.79 -29.36 9.99
CM MPD P . 15.64 -29.06 7.79
C3 MPD P . 13.31 -30.14 8.20
C4 MPD P . 13.71 -31.50 7.57
O4 MPD P . 14.21 -32.48 8.52
C5 MPD P . 12.61 -32.17 6.71
CL CL Q . 23.31 -32.98 -5.23
CL CL R . -24.89 31.29 11.77
CL CL S . 11.60 -36.92 -11.69
CL CL T . -17.97 18.98 -17.46
NA NA U . 13.13 21.27 11.82
NA NA V . -10.36 27.29 8.50
C ACT W . -1.35 -8.42 -9.47
O ACT W . -1.80 -9.57 -9.72
OXT ACT W . -1.19 -8.07 -8.29
CH3 ACT W . -0.93 -7.45 -10.59
C ACT X . -7.20 26.07 -19.14
O ACT X . -6.23 26.72 -18.64
OXT ACT X . -7.57 24.95 -18.70
CH3 ACT X . -7.95 26.66 -20.30
MG MG Y . 12.53 -3.92 -19.36
MG MG Z . -6.49 26.60 23.28
MG MG AA . 14.53 -1.59 18.65
MG MG BA . 32.68 -13.54 -12.53
NI NI CA . 11.60 12.31 13.84
NI NI DA . -7.86 30.87 20.64
#